data_5F9E
#
_entry.id   5F9E
#
_cell.length_a   75.603
_cell.length_b   76.786
_cell.length_c   149.304
_cell.angle_alpha   90.00
_cell.angle_beta   90.00
_cell.angle_gamma   90.00
#
_symmetry.space_group_name_H-M   'P 21 21 21'
#
loop_
_entity.id
_entity.type
_entity.pdbx_description
1 polymer 'Protein kinase C theta type'
2 non-polymer 2,2-dimethyl-7-(2-oxidanylidene-3~{H}-imidazo[4,5-b]pyridin-1-yl)-1-(phenylmethyl)-3~{H}-quinazolin-4-one
3 water water
#
_entity_poly.entity_id   1
_entity_poly.type   'polypeptide(L)'
_entity_poly.pdbx_seq_one_letter_code
;MEPELNKERPSLQIKLKIEDFELHKMLGKGSFGKVFLAEFKKTNQFFAIKALKKDVVLMDDDVECTMVEKRVLSLAWEHP
FLTHMFCTFQTKENLFFVMEYLNGGDLMYHIQSCHKFDLSRATFYAAEIILGLQFLHSKGIVYRDLKLDNILLDKDGHIK
IADFGMCKENMLGDAKTNEFCGTPDYIAPEILLGQKYNHSVDWWSFGVLLYEMLIGQSPFHGQDEEELFHSIRMDNPFYP
RWLEKEAKDLLVKLFVREPEKRLGVRGDIRQHPLFREINWEELERKEIDPPFRPKVKSPFDCSNFDKEFLNEKPRL
(SEP)FADRALINSMDQNMFRNF(SEP)FMNPGMERLISHHHHHH
;
_entity_poly.pdbx_strand_id   A,B
#
loop_
_chem_comp.id
_chem_comp.type
_chem_comp.name
_chem_comp.formula
5VS non-polymer 2,2-dimethyl-7-(2-oxidanylidene-3~{H}-imidazo[4,5-b]pyridin-1-yl)-1-(phenylmethyl)-3~{H}-quinazolin-4-one 'C23 H21 N5 O2'
#
# COMPACT_ATOMS: atom_id res chain seq x y z
N LYS A 15 -4.93 -12.34 -31.56
CA LYS A 15 -3.51 -12.02 -31.93
C LYS A 15 -2.64 -11.70 -30.69
N LEU A 16 -2.31 -10.43 -30.44
CA LEU A 16 -1.17 -10.07 -29.55
C LEU A 16 -1.16 -10.72 -28.13
N LYS A 17 0.00 -11.24 -27.74
CA LYS A 17 0.21 -11.90 -26.45
C LYS A 17 1.50 -11.45 -25.79
N ILE A 18 1.57 -11.53 -24.46
CA ILE A 18 2.76 -11.13 -23.72
C ILE A 18 4.00 -11.95 -24.11
N GLU A 19 3.79 -13.20 -24.54
CA GLU A 19 4.88 -14.08 -24.98
C GLU A 19 5.51 -13.60 -26.28
N ASP A 20 4.80 -12.73 -27.02
CA ASP A 20 5.36 -12.09 -28.22
C ASP A 20 6.52 -11.15 -27.90
N PHE A 21 6.68 -10.79 -26.63
CA PHE A 21 7.76 -9.91 -26.19
C PHE A 21 8.78 -10.65 -25.35
N GLU A 22 9.99 -10.11 -25.36
CA GLU A 22 11.02 -10.50 -24.43
C GLU A 22 11.18 -9.38 -23.42
N LEU A 23 10.96 -9.71 -22.15
CA LEU A 23 11.11 -8.78 -21.06
C LEU A 23 12.57 -8.80 -20.59
N HIS A 24 13.38 -7.88 -21.11
CA HIS A 24 14.82 -7.88 -20.81
C HIS A 24 15.13 -7.40 -19.39
N LYS A 25 14.34 -6.46 -18.89
CA LYS A 25 14.60 -5.88 -17.57
C LYS A 25 13.31 -5.45 -16.90
N MET A 26 13.35 -5.37 -15.57
CA MET A 26 12.34 -4.67 -14.83
C MET A 26 12.90 -3.31 -14.45
N LEU A 27 12.25 -2.28 -14.97
CA LEU A 27 12.73 -0.92 -14.84
C LEU A 27 12.25 -0.33 -13.52
N GLY A 28 11.11 -0.83 -13.03
CA GLY A 28 10.57 -0.36 -11.77
C GLY A 28 9.33 -1.13 -11.35
N LYS A 29 9.06 -1.11 -10.04
CA LYS A 29 7.81 -1.63 -9.48
C LYS A 29 7.39 -0.82 -8.24
N GLY A 30 6.13 -0.99 -7.85
CA GLY A 30 5.57 -0.19 -6.76
C GLY A 30 4.05 -0.27 -6.80
N SER A 31 3.37 0.79 -6.37
CA SER A 31 1.91 0.82 -6.37
C SER A 31 1.30 0.81 -7.78
N PHE A 32 2.11 1.16 -8.77
CA PHE A 32 1.70 1.20 -10.19
C PHE A 32 1.83 -0.15 -10.90
N GLY A 33 2.31 -1.17 -10.19
CA GLY A 33 2.54 -2.47 -10.79
C GLY A 33 4.01 -2.67 -11.15
N LYS A 34 4.27 -3.36 -12.26
CA LYS A 34 5.64 -3.55 -12.78
C LYS A 34 5.74 -2.94 -14.19
N VAL A 35 6.87 -2.28 -14.48
CA VAL A 35 7.18 -1.75 -15.79
C VAL A 35 8.45 -2.42 -16.30
N PHE A 36 8.37 -3.06 -17.47
CA PHE A 36 9.48 -3.81 -18.08
C PHE A 36 10.01 -3.14 -19.34
N LEU A 37 11.31 -3.29 -19.58
CA LEU A 37 11.90 -2.98 -20.89
C LEU A 37 11.67 -4.24 -21.71
N ALA A 38 10.92 -4.09 -22.80
CA ALA A 38 10.46 -5.22 -23.61
C ALA A 38 10.80 -5.04 -25.09
N GLU A 39 11.13 -6.13 -25.75
CA GLU A 39 11.45 -6.11 -27.16
C GLU A 39 10.42 -6.95 -27.88
N PHE A 40 9.82 -6.40 -28.93
CA PHE A 40 8.79 -7.14 -29.64
C PHE A 40 9.45 -8.20 -30.49
N LYS A 41 9.20 -9.47 -30.17
CA LYS A 41 9.69 -10.59 -30.93
C LYS A 41 11.14 -10.44 -31.36
N LYS A 42 11.38 -10.75 -32.62
CA LYS A 42 12.68 -10.68 -33.24
C LYS A 42 13.12 -9.22 -33.28
N THR A 43 12.20 -8.37 -33.76
CA THR A 43 12.55 -7.05 -34.29
C THR A 43 13.45 -6.32 -33.35
N ASN A 44 14.06 -5.25 -33.81
CA ASN A 44 14.91 -4.51 -32.90
C ASN A 44 14.12 -3.39 -32.19
N GLN A 45 12.82 -3.60 -31.95
CA GLN A 45 11.94 -2.53 -31.45
C GLN A 45 11.56 -2.70 -29.98
N PHE A 46 11.85 -1.68 -29.18
CA PHE A 46 11.72 -1.74 -27.75
C PHE A 46 10.56 -0.86 -27.24
N PHE A 47 9.96 -1.28 -26.13
CA PHE A 47 8.81 -0.60 -25.50
C PHE A 47 8.93 -0.75 -23.99
N ALA A 48 8.26 0.14 -23.26
CA ALA A 48 8.04 -0.08 -21.85
C ALA A 48 6.65 -0.67 -21.67
N ILE A 49 6.57 -1.89 -21.11
CA ILE A 49 5.28 -2.52 -20.82
C ILE A 49 4.97 -2.43 -19.34
N LYS A 50 3.85 -1.77 -19.01
CA LYS A 50 3.34 -1.78 -17.64
C LYS A 50 2.36 -2.92 -17.50
N ALA A 51 2.60 -3.77 -16.51
CA ALA A 51 1.84 -4.99 -16.33
C ALA A 51 1.18 -4.93 -14.97
N LEU A 52 -0.11 -5.25 -14.94
CA LEU A 52 -0.93 -5.24 -13.74
C LEU A 52 -1.63 -6.58 -13.62
N LYS A 53 -1.79 -7.04 -12.38
CA LYS A 53 -2.57 -8.23 -12.08
C LYS A 53 -3.99 -7.80 -11.76
N LYS A 54 -4.95 -8.36 -12.46
CA LYS A 54 -6.36 -8.00 -12.27
C LYS A 54 -6.88 -8.21 -10.84
N ASP A 55 -6.49 -9.30 -10.19
CA ASP A 55 -6.88 -9.52 -8.79
C ASP A 55 -6.35 -8.37 -7.89
N VAL A 56 -5.13 -7.91 -8.12
CA VAL A 56 -4.56 -6.81 -7.33
C VAL A 56 -5.28 -5.48 -7.59
N VAL A 57 -5.57 -5.21 -8.86
CA VAL A 57 -6.29 -3.99 -9.23
C VAL A 57 -7.66 -3.99 -8.57
N LEU A 58 -8.35 -5.12 -8.64
CA LEU A 58 -9.67 -5.27 -8.02
C LEU A 58 -9.65 -4.98 -6.53
N MET A 59 -8.75 -5.63 -5.78
CA MET A 59 -8.76 -5.46 -4.32
CA MET A 59 -8.70 -5.49 -4.32
C MET A 59 -8.20 -4.10 -3.90
N ASP A 60 -7.44 -3.44 -4.77
CA ASP A 60 -6.99 -2.07 -4.52
C ASP A 60 -8.04 -1.04 -4.93
N ASP A 61 -9.18 -1.49 -5.45
CA ASP A 61 -10.25 -0.60 -5.89
C ASP A 61 -9.77 0.34 -7.00
N ASP A 62 -8.98 -0.21 -7.93
CA ASP A 62 -8.34 0.59 -8.99
C ASP A 62 -8.89 0.29 -10.38
N VAL A 63 -10.08 -0.30 -10.44
CA VAL A 63 -10.62 -0.74 -11.73
C VAL A 63 -10.89 0.48 -12.61
N GLU A 64 -11.60 1.45 -12.04
CA GLU A 64 -11.96 2.66 -12.80
C GLU A 64 -10.71 3.50 -13.16
N CYS A 65 -9.76 3.64 -12.23
CA CYS A 65 -8.48 4.31 -12.50
C CYS A 65 -7.76 3.70 -13.70
N THR A 66 -7.81 2.38 -13.80
CA THR A 66 -7.18 1.66 -14.91
C THR A 66 -7.86 1.99 -16.27
N MET A 67 -9.18 2.11 -16.27
CA MET A 67 -9.92 2.49 -17.46
C MET A 67 -9.72 3.96 -17.78
N VAL A 68 -9.68 4.81 -16.75
CA VAL A 68 -9.36 6.22 -16.98
C VAL A 68 -8.00 6.35 -17.67
N GLU A 69 -7.02 5.63 -17.13
CA GLU A 69 -5.68 5.68 -17.66
C GLU A 69 -5.69 5.31 -19.14
N LYS A 70 -6.37 4.24 -19.48
CA LYS A 70 -6.45 3.84 -20.88
C LYS A 70 -7.06 4.91 -21.77
N ARG A 71 -8.19 5.46 -21.34
CA ARG A 71 -8.85 6.51 -22.11
C ARG A 71 -8.00 7.77 -22.26
N VAL A 72 -7.44 8.25 -21.16
CA VAL A 72 -6.61 9.45 -21.22
C VAL A 72 -5.39 9.25 -22.15
N LEU A 73 -4.78 8.07 -22.07
CA LEU A 73 -3.64 7.73 -22.92
C LEU A 73 -4.02 7.72 -24.42
N SER A 74 -5.23 7.29 -24.78
CA SER A 74 -5.69 7.48 -26.18
C SER A 74 -5.65 8.95 -26.63
N LEU A 75 -5.93 9.88 -25.73
CA LEU A 75 -5.82 11.31 -26.05
C LEU A 75 -4.38 11.85 -26.11
N ALA A 76 -3.47 11.15 -25.43
CA ALA A 76 -2.10 11.65 -25.17
C ALA A 76 -1.12 11.57 -26.31
N TRP A 77 -1.35 10.68 -27.28
CA TRP A 77 -0.44 10.64 -28.43
C TRP A 77 -0.40 11.97 -29.18
N GLU A 78 -1.38 12.87 -28.93
CA GLU A 78 -1.44 14.19 -29.57
C GLU A 78 -0.53 15.23 -28.96
N HIS A 79 0.17 14.90 -27.88
CA HIS A 79 1.04 15.87 -27.25
C HIS A 79 2.45 15.33 -27.01
N PRO A 80 3.49 16.13 -27.31
CA PRO A 80 4.88 15.67 -27.13
C PRO A 80 5.33 15.42 -25.68
N PHE A 81 4.67 16.02 -24.69
CA PHE A 81 5.20 15.94 -23.31
C PHE A 81 4.42 14.97 -22.41
N LEU A 82 3.68 14.03 -23.03
CA LEU A 82 2.98 13.00 -22.31
C LEU A 82 3.45 11.65 -22.88
N THR A 83 3.48 10.62 -22.05
CA THR A 83 3.87 9.27 -22.46
C THR A 83 2.88 8.75 -23.50
N HIS A 84 3.41 8.22 -24.58
CA HIS A 84 2.59 7.72 -25.66
C HIS A 84 2.43 6.20 -25.48
N MET A 85 1.20 5.76 -25.67
CA MET A 85 0.79 4.38 -25.64
C MET A 85 0.57 3.84 -27.05
N PHE A 86 1.13 2.69 -27.38
CA PHE A 86 0.94 2.09 -28.70
C PHE A 86 -0.26 1.16 -28.68
N CYS A 87 -0.38 0.38 -27.61
CA CYS A 87 -1.51 -0.50 -27.46
C CYS A 87 -1.70 -1.01 -26.07
N THR A 88 -2.86 -1.61 -25.88
CA THR A 88 -3.34 -1.96 -24.56
C THR A 88 -4.06 -3.30 -24.82
N PHE A 89 -3.74 -4.34 -24.05
CA PHE A 89 -4.47 -5.61 -24.14
C PHE A 89 -4.59 -6.30 -22.80
N GLN A 90 -5.50 -7.27 -22.72
CA GLN A 90 -5.74 -8.00 -21.48
C GLN A 90 -5.78 -9.49 -21.71
N THR A 91 -5.51 -10.25 -20.64
CA THR A 91 -5.82 -11.70 -20.53
C THR A 91 -6.68 -11.91 -19.30
N LYS A 92 -7.07 -13.16 -19.02
CA LYS A 92 -7.90 -13.43 -17.85
C LYS A 92 -7.27 -12.90 -16.54
N GLU A 93 -5.94 -12.92 -16.42
CA GLU A 93 -5.23 -12.45 -15.20
C GLU A 93 -4.58 -11.07 -15.26
N ASN A 94 -4.24 -10.62 -16.47
CA ASN A 94 -3.33 -9.48 -16.63
C ASN A 94 -3.90 -8.35 -17.44
N LEU A 95 -3.45 -7.15 -17.11
CA LEU A 95 -3.62 -5.98 -17.95
C LEU A 95 -2.25 -5.45 -18.38
N PHE A 96 -2.15 -5.09 -19.66
CA PHE A 96 -0.89 -4.63 -20.26
C PHE A 96 -1.07 -3.30 -21.01
N PHE A 97 -0.27 -2.30 -20.64
CA PHE A 97 -0.05 -1.06 -21.41
C PHE A 97 1.32 -1.14 -22.10
N VAL A 98 1.30 -1.11 -23.42
CA VAL A 98 2.54 -1.13 -24.20
C VAL A 98 2.82 0.31 -24.56
N MET A 99 3.78 0.88 -23.83
CA MET A 99 4.22 2.24 -23.95
C MET A 99 5.54 2.38 -24.74
N GLU A 100 5.71 3.60 -25.23
CA GLU A 100 6.96 4.21 -25.65
C GLU A 100 8.03 3.95 -24.58
N TYR A 101 9.20 3.41 -24.96
CA TYR A 101 10.32 3.25 -24.04
C TYR A 101 11.11 4.57 -23.96
N LEU A 102 11.21 5.13 -22.75
CA LEU A 102 11.86 6.43 -22.53
C LEU A 102 13.04 6.21 -21.61
N ASN A 103 14.28 6.39 -22.09
CA ASN A 103 15.45 5.96 -21.30
C ASN A 103 16.33 7.05 -20.69
N GLY A 104 15.77 8.25 -20.61
CA GLY A 104 16.50 9.37 -20.05
C GLY A 104 16.54 9.32 -18.55
N GLY A 105 15.58 8.60 -17.95
CA GLY A 105 15.41 8.49 -16.49
C GLY A 105 14.43 9.49 -15.91
N ASP A 106 13.89 9.16 -14.74
CA ASP A 106 12.90 10.01 -14.11
C ASP A 106 13.52 11.10 -13.25
N LEU A 107 12.77 12.18 -13.05
CA LEU A 107 13.30 13.32 -12.36
C LEU A 107 13.66 13.03 -10.90
N MET A 108 12.89 12.18 -10.22
CA MET A 108 13.19 11.75 -8.84
C MET A 108 14.54 11.08 -8.78
N TYR A 109 14.81 10.21 -9.73
CA TYR A 109 16.09 9.55 -9.82
C TYR A 109 17.19 10.58 -10.09
N HIS A 110 16.95 11.53 -11.01
CA HIS A 110 18.02 12.52 -11.30
C HIS A 110 18.28 13.50 -10.15
N ILE A 111 17.23 13.91 -9.44
CA ILE A 111 17.38 14.91 -8.37
C ILE A 111 18.05 14.31 -7.13
N GLN A 112 18.06 12.99 -7.01
CA GLN A 112 18.71 12.31 -5.88
C GLN A 112 20.20 12.61 -5.83
N SER A 113 20.91 12.56 -6.96
CA SER A 113 22.35 12.76 -6.91
C SER A 113 22.75 14.25 -6.83
N CYS A 114 21.98 15.14 -7.43
CA CYS A 114 22.37 16.57 -7.42
C CYS A 114 21.63 17.41 -6.38
N HIS A 115 20.61 16.83 -5.74
CA HIS A 115 19.82 17.44 -4.66
C HIS A 115 18.83 18.48 -5.15
N LYS A 116 19.27 19.38 -6.03
CA LYS A 116 18.37 20.31 -6.65
C LYS A 116 18.84 20.68 -8.04
N PHE A 117 17.89 21.06 -8.88
CA PHE A 117 18.18 21.42 -10.25
C PHE A 117 18.57 22.87 -10.35
N ASP A 118 19.56 23.14 -11.19
CA ASP A 118 19.96 24.53 -11.43
C ASP A 118 18.79 25.29 -12.03
N LEU A 119 18.82 26.61 -11.90
CA LEU A 119 17.70 27.46 -12.31
C LEU A 119 17.23 27.24 -13.76
N SER A 120 18.15 27.21 -14.73
CA SER A 120 17.75 27.06 -16.12
CA SER A 120 17.80 27.04 -16.14
C SER A 120 17.13 25.67 -16.38
N ARG A 121 17.68 24.63 -15.76
CA ARG A 121 17.15 23.29 -15.95
C ARG A 121 15.75 23.18 -15.36
N ALA A 122 15.58 23.68 -14.15
CA ALA A 122 14.24 23.67 -13.52
C ALA A 122 13.21 24.49 -14.29
N THR A 123 13.64 25.67 -14.76
CA THR A 123 12.79 26.58 -15.55
C THR A 123 12.30 25.86 -16.81
N PHE A 124 13.22 25.16 -17.48
CA PHE A 124 12.90 24.37 -18.66
C PHE A 124 11.90 23.24 -18.40
N TYR A 125 12.16 22.46 -17.36
CA TYR A 125 11.22 21.41 -16.96
C TYR A 125 9.84 21.99 -16.61
N ALA A 126 9.84 23.05 -15.85
CA ALA A 126 8.58 23.71 -15.50
C ALA A 126 7.76 24.14 -16.74
N ALA A 127 8.45 24.71 -17.74
CA ALA A 127 7.79 25.20 -18.93
C ALA A 127 7.18 24.02 -19.72
N GLU A 128 7.92 22.93 -19.87
CA GLU A 128 7.38 21.81 -20.61
C GLU A 128 6.23 21.19 -19.86
N ILE A 129 6.33 21.14 -18.53
CA ILE A 129 5.25 20.59 -17.73
C ILE A 129 3.97 21.48 -17.87
N ILE A 130 4.16 22.79 -17.95
CA ILE A 130 3.05 23.71 -18.18
C ILE A 130 2.30 23.37 -19.45
N LEU A 131 3.05 23.12 -20.52
CA LEU A 131 2.44 22.77 -21.80
C LEU A 131 1.66 21.47 -21.72
N GLY A 132 2.25 20.46 -21.11
CA GLY A 132 1.53 19.19 -20.93
C GLY A 132 0.25 19.33 -20.10
N LEU A 133 0.34 20.10 -19.03
CA LEU A 133 -0.82 20.30 -18.13
C LEU A 133 -1.93 21.09 -18.81
N GLN A 134 -1.55 22.15 -19.51
CA GLN A 134 -2.52 22.98 -20.19
C GLN A 134 -3.24 22.21 -21.31
N PHE A 135 -2.51 21.34 -21.97
CA PHE A 135 -3.11 20.44 -22.93
C PHE A 135 -4.17 19.58 -22.25
N LEU A 136 -3.82 18.96 -21.13
CA LEU A 136 -4.77 18.09 -20.43
C LEU A 136 -5.99 18.90 -20.02
N HIS A 137 -5.78 20.07 -19.40
CA HIS A 137 -6.92 20.95 -19.03
C HIS A 137 -7.82 21.34 -20.20
N SER A 138 -7.26 21.70 -21.36
CA SER A 138 -8.05 22.11 -22.52
C SER A 138 -8.95 20.96 -23.01
N LYS A 139 -8.59 19.73 -22.68
CA LYS A 139 -9.44 18.55 -22.99
C LYS A 139 -10.40 18.15 -21.87
N GLY A 140 -10.48 18.94 -20.79
CA GLY A 140 -11.35 18.62 -19.66
C GLY A 140 -10.81 17.56 -18.71
N ILE A 141 -9.48 17.42 -18.69
CA ILE A 141 -8.83 16.44 -17.84
C ILE A 141 -8.07 17.16 -16.73
N VAL A 142 -8.39 16.83 -15.47
CA VAL A 142 -7.62 17.27 -14.30
C VAL A 142 -6.76 16.11 -13.85
N TYR A 143 -5.47 16.35 -13.69
CA TYR A 143 -4.49 15.26 -13.57
C TYR A 143 -4.43 14.69 -12.18
N ARG A 144 -4.35 15.59 -11.20
CA ARG A 144 -4.55 15.28 -9.77
C ARG A 144 -3.41 14.51 -9.09
N ASP A 145 -2.38 14.07 -9.82
CA ASP A 145 -1.26 13.40 -9.15
C ASP A 145 0.09 13.88 -9.60
N LEU A 146 0.19 15.17 -9.84
CA LEU A 146 1.44 15.76 -10.32
C LEU A 146 2.50 15.62 -9.24
N LYS A 147 3.59 14.94 -9.55
CA LYS A 147 4.69 14.78 -8.61
C LYS A 147 5.94 14.43 -9.36
N LEU A 148 7.09 14.57 -8.71
CA LEU A 148 8.37 14.38 -9.39
C LEU A 148 8.53 12.97 -9.93
N ASP A 149 8.03 12.00 -9.16
CA ASP A 149 8.09 10.59 -9.51
C ASP A 149 7.41 10.27 -10.84
N ASN A 150 6.50 11.15 -11.29
CA ASN A 150 5.71 10.90 -12.50
C ASN A 150 6.22 11.64 -13.75
N ILE A 151 7.40 12.26 -13.64
CA ILE A 151 8.03 12.96 -14.75
C ILE A 151 9.23 12.14 -15.22
N LEU A 152 9.17 11.70 -16.46
CA LEU A 152 10.24 10.94 -17.09
C LEU A 152 10.96 11.86 -18.05
N LEU A 153 12.22 11.54 -18.39
CA LEU A 153 12.92 12.17 -19.51
C LEU A 153 13.05 11.25 -20.72
N ASP A 154 12.89 11.82 -21.91
CA ASP A 154 13.21 11.04 -23.11
C ASP A 154 14.74 11.04 -23.34
N LYS A 155 15.18 10.35 -24.39
CA LYS A 155 16.60 10.26 -24.69
C LYS A 155 17.32 11.60 -24.83
N ASP A 156 16.58 12.67 -25.17
CA ASP A 156 17.21 13.98 -25.40
C ASP A 156 17.11 14.92 -24.19
N GLY A 157 16.36 14.54 -23.17
CA GLY A 157 16.12 15.40 -22.00
C GLY A 157 14.81 16.16 -21.93
N HIS A 158 13.90 15.87 -22.87
CA HIS A 158 12.56 16.47 -22.83
C HIS A 158 11.70 15.70 -21.86
N ILE A 159 10.75 16.38 -21.21
CA ILE A 159 9.95 15.73 -20.20
C ILE A 159 8.79 14.95 -20.78
N LYS A 160 8.37 13.95 -20.01
CA LYS A 160 7.21 13.15 -20.33
C LYS A 160 6.44 12.88 -19.06
N ILE A 161 5.19 13.34 -19.02
CA ILE A 161 4.34 13.09 -17.89
C ILE A 161 3.74 11.69 -18.04
N ALA A 162 3.79 10.92 -16.96
CA ALA A 162 3.34 9.52 -16.93
C ALA A 162 2.30 9.30 -15.84
N ASP A 163 1.55 8.18 -15.99
CA ASP A 163 0.58 7.67 -15.02
C ASP A 163 -0.67 8.52 -14.97
N PHE A 164 -1.64 8.17 -15.79
CA PHE A 164 -2.85 8.96 -15.87
C PHE A 164 -4.03 8.35 -15.10
N GLY A 165 -3.75 7.39 -14.22
CA GLY A 165 -4.81 6.71 -13.47
C GLY A 165 -5.61 7.58 -12.50
N MET A 166 -5.01 8.67 -12.02
CA MET A 166 -5.72 9.55 -11.08
CA MET A 166 -5.70 9.58 -11.09
C MET A 166 -6.59 10.63 -11.76
N CYS A 167 -6.56 10.72 -13.08
CA CYS A 167 -7.22 11.83 -13.79
C CYS A 167 -8.72 11.86 -13.59
N LYS A 168 -9.30 13.04 -13.58
CA LYS A 168 -10.76 13.17 -13.69
C LYS A 168 -11.09 13.67 -15.09
N GLU A 169 -11.98 12.98 -15.79
CA GLU A 169 -12.40 13.37 -17.13
C GLU A 169 -13.64 14.26 -17.08
N ASN A 170 -14.00 14.81 -18.24
CA ASN A 170 -15.22 15.61 -18.39
C ASN A 170 -15.29 16.87 -17.52
N MET A 171 -14.16 17.54 -17.32
CA MET A 171 -14.08 18.69 -16.42
C MET A 171 -14.16 20.07 -17.12
N LEU A 172 -14.63 20.09 -18.37
CA LEU A 172 -14.84 21.35 -19.07
C LEU A 172 -16.06 22.09 -18.53
N GLY A 173 -16.06 23.40 -18.71
CA GLY A 173 -17.22 24.21 -18.39
C GLY A 173 -17.35 24.39 -16.89
N ASP A 174 -18.58 24.48 -16.45
CA ASP A 174 -18.92 24.70 -15.05
C ASP A 174 -19.05 23.31 -14.41
N ALA A 175 -17.91 22.70 -14.21
CA ALA A 175 -17.81 21.35 -13.67
C ALA A 175 -16.78 21.34 -12.52
N LYS A 176 -17.06 20.51 -11.54
CA LYS A 176 -16.20 20.30 -10.39
C LYS A 176 -16.39 18.88 -9.95
N THR A 177 -15.41 18.39 -9.20
CA THR A 177 -15.47 17.05 -8.68
C THR A 177 -15.05 17.13 -7.20
N ASN A 178 -15.15 16.02 -6.49
CA ASN A 178 -15.03 16.07 -5.03
C ASN A 178 -14.28 14.90 -4.40
N GLU A 179 -13.50 14.15 -5.17
CA GLU A 179 -12.77 13.03 -4.60
C GLU A 179 -11.49 13.47 -3.88
N PHE A 180 -11.28 12.93 -2.70
CA PHE A 180 -10.07 13.15 -1.93
C PHE A 180 -8.99 12.25 -2.52
N CYS A 181 -7.98 12.83 -3.13
CA CYS A 181 -6.92 12.01 -3.71
C CYS A 181 -5.70 12.84 -3.98
N GLY A 182 -4.59 12.18 -4.30
CA GLY A 182 -3.30 12.84 -4.54
C GLY A 182 -2.22 12.12 -3.74
N THR A 183 -1.03 12.68 -3.75
CA THR A 183 0.09 12.21 -2.96
C THR A 183 0.28 13.29 -1.89
N PRO A 184 0.36 12.90 -0.61
CA PRO A 184 0.22 13.85 0.48
C PRO A 184 1.01 15.18 0.40
N ASP A 185 2.29 15.16 0.01
CA ASP A 185 3.06 16.41 -0.08
C ASP A 185 2.52 17.43 -1.08
N TYR A 186 1.82 16.93 -2.11
CA TYR A 186 1.37 17.74 -3.25
C TYR A 186 -0.09 18.15 -3.22
N ILE A 187 -0.85 17.65 -2.27
CA ILE A 187 -2.30 17.81 -2.28
CA ILE A 187 -2.32 17.82 -2.23
C ILE A 187 -2.71 19.26 -1.94
N ALA A 188 -3.63 19.79 -2.73
CA ALA A 188 -4.06 21.19 -2.62
C ALA A 188 -4.92 21.44 -1.39
N PRO A 189 -4.80 22.64 -0.83
CA PRO A 189 -5.56 22.92 0.38
C PRO A 189 -7.05 22.85 0.18
N GLU A 190 -7.56 23.14 -1.02
CA GLU A 190 -9.02 23.03 -1.25
C GLU A 190 -9.50 21.57 -1.15
N ILE A 191 -8.64 20.63 -1.50
CA ILE A 191 -8.93 19.22 -1.31
C ILE A 191 -8.93 18.87 0.18
N LEU A 192 -7.91 19.33 0.89
CA LEU A 192 -7.85 19.12 2.34
C LEU A 192 -9.08 19.65 3.06
N LEU A 193 -9.63 20.76 2.57
CA LEU A 193 -10.80 21.35 3.18
C LEU A 193 -12.11 20.77 2.64
N GLY A 194 -12.04 19.72 1.81
CA GLY A 194 -13.24 19.02 1.34
C GLY A 194 -14.11 19.84 0.39
N GLN A 195 -13.53 20.84 -0.28
CA GLN A 195 -14.29 21.65 -1.24
C GLN A 195 -14.36 20.95 -2.60
N LYS A 196 -15.44 21.19 -3.32
CA LYS A 196 -15.52 20.74 -4.70
C LYS A 196 -14.46 21.51 -5.47
N TYR A 197 -13.79 20.88 -6.42
CA TYR A 197 -12.64 21.52 -7.05
C TYR A 197 -12.53 21.24 -8.55
N ASN A 198 -11.72 22.04 -9.22
CA ASN A 198 -11.40 21.85 -10.62
C ASN A 198 -9.89 21.78 -10.82
N HIS A 199 -9.41 22.20 -12.00
CA HIS A 199 -8.01 22.15 -12.37
C HIS A 199 -7.07 22.98 -11.49
N SER A 200 -7.64 23.82 -10.63
CA SER A 200 -6.85 24.55 -9.61
C SER A 200 -5.88 23.64 -8.88
N VAL A 201 -6.30 22.42 -8.58
CA VAL A 201 -5.48 21.51 -7.78
C VAL A 201 -4.18 21.15 -8.44
N ASP A 202 -4.17 21.09 -9.77
CA ASP A 202 -2.95 20.78 -10.49
C ASP A 202 -1.94 21.93 -10.39
N TRP A 203 -2.42 23.18 -10.36
CA TRP A 203 -1.51 24.32 -10.20
C TRP A 203 -0.85 24.44 -8.80
N TRP A 204 -1.54 24.03 -7.76
CA TRP A 204 -0.89 23.88 -6.44
C TRP A 204 0.20 22.79 -6.48
N SER A 205 -0.18 21.60 -6.92
CA SER A 205 0.80 20.54 -7.05
C SER A 205 2.02 20.97 -7.88
N PHE A 206 1.77 21.71 -8.95
CA PHE A 206 2.84 22.22 -9.80
C PHE A 206 3.81 23.11 -9.02
N GLY A 207 3.26 24.01 -8.23
CA GLY A 207 4.02 24.76 -7.26
C GLY A 207 4.90 23.92 -6.36
N VAL A 208 4.34 22.84 -5.80
CA VAL A 208 5.07 21.98 -4.89
C VAL A 208 6.23 21.34 -5.67
N LEU A 209 5.93 20.84 -6.87
CA LEU A 209 6.91 20.22 -7.72
C LEU A 209 8.08 21.18 -8.09
N LEU A 210 7.74 22.40 -8.48
CA LEU A 210 8.75 23.41 -8.81
C LEU A 210 9.60 23.77 -7.62
N TYR A 211 8.96 23.95 -6.46
CA TYR A 211 9.67 24.21 -5.23
C TYR A 211 10.67 23.12 -4.92
N GLU A 212 10.24 21.87 -5.09
CA GLU A 212 11.14 20.75 -4.88
C GLU A 212 12.32 20.77 -5.86
N MET A 213 12.05 21.07 -7.12
CA MET A 213 13.13 21.14 -8.12
C MET A 213 14.18 22.20 -7.78
N LEU A 214 13.73 23.38 -7.36
CA LEU A 214 14.62 24.48 -7.03
C LEU A 214 15.31 24.38 -5.69
N ILE A 215 14.61 23.89 -4.68
CA ILE A 215 15.09 23.94 -3.34
C ILE A 215 15.53 22.59 -2.80
N GLY A 216 15.07 21.48 -3.37
CA GLY A 216 15.59 20.18 -2.94
C GLY A 216 14.91 19.56 -1.73
N GLN A 217 13.85 20.21 -1.27
CA GLN A 217 12.98 19.62 -0.29
C GLN A 217 11.57 20.16 -0.54
N SER A 218 10.61 19.53 0.10
CA SER A 218 9.20 19.88 -0.05
C SER A 218 8.88 21.16 0.73
N PRO A 219 7.90 21.94 0.26
CA PRO A 219 7.56 23.21 0.94
C PRO A 219 6.82 23.01 2.27
N PHE A 220 6.06 21.93 2.40
CA PHE A 220 5.27 21.66 3.59
C PHE A 220 5.77 20.36 4.27
N HIS A 221 5.67 20.31 5.60
CA HIS A 221 6.32 19.27 6.41
C HIS A 221 5.49 18.84 7.58
N GLY A 222 5.67 17.59 7.98
CA GLY A 222 5.10 17.09 9.23
C GLY A 222 5.61 15.71 9.53
N GLN A 223 5.67 15.35 10.81
CA GLN A 223 6.05 14.00 11.20
C GLN A 223 4.93 12.96 10.98
N ASP A 224 3.69 13.39 10.84
CA ASP A 224 2.61 12.49 10.40
C ASP A 224 1.75 13.26 9.44
N GLU A 225 0.76 12.62 8.83
CA GLU A 225 -0.11 13.29 7.86
C GLU A 225 -0.89 14.47 8.48
N GLU A 226 -1.39 14.30 9.68
CA GLU A 226 -2.09 15.36 10.41
C GLU A 226 -1.25 16.64 10.49
N GLU A 227 0.01 16.52 10.86
CA GLU A 227 0.87 17.70 10.90
C GLU A 227 1.16 18.24 9.50
N LEU A 228 1.39 17.35 8.54
CA LEU A 228 1.64 17.75 7.17
C LEU A 228 0.46 18.51 6.57
N PHE A 229 -0.74 18.00 6.78
CA PHE A 229 -1.93 18.65 6.24
C PHE A 229 -2.17 20.01 6.91
N HIS A 230 -1.91 20.10 8.21
CA HIS A 230 -1.85 21.41 8.88
C HIS A 230 -0.84 22.37 8.24
N SER A 231 0.36 21.89 7.92
CA SER A 231 1.35 22.72 7.27
C SER A 231 0.87 23.23 5.90
N ILE A 232 0.36 22.32 5.07
CA ILE A 232 -0.20 22.68 3.79
C ILE A 232 -1.31 23.74 3.94
N ARG A 233 -2.17 23.57 4.93
CA ARG A 233 -3.28 24.53 5.14
C ARG A 233 -2.83 25.87 5.68
N MET A 234 -1.76 25.90 6.48
CA MET A 234 -1.49 27.09 7.33
C MET A 234 -0.16 27.81 7.15
N ASP A 235 0.90 27.13 6.75
CA ASP A 235 2.20 27.78 6.80
C ASP A 235 2.68 28.41 5.49
N ASN A 236 3.56 29.39 5.63
CA ASN A 236 4.14 30.07 4.47
C ASN A 236 5.38 29.30 4.08
N PRO A 237 5.53 28.93 2.81
CA PRO A 237 6.76 28.24 2.37
C PRO A 237 8.04 29.03 2.61
N PHE A 238 9.14 28.33 2.88
CA PHE A 238 10.42 29.00 3.12
C PHE A 238 11.11 29.26 1.78
N TYR A 239 11.49 30.51 1.57
CA TYR A 239 12.24 30.90 0.37
C TYR A 239 13.62 31.40 0.79
N PRO A 240 14.67 30.60 0.55
CA PRO A 240 16.02 31.00 0.93
C PRO A 240 16.44 32.25 0.20
N ARG A 241 17.33 33.01 0.82
CA ARG A 241 17.75 34.29 0.27
C ARG A 241 18.44 34.15 -1.10
N TRP A 242 19.18 33.07 -1.31
CA TRP A 242 19.81 32.83 -2.62
C TRP A 242 18.84 32.64 -3.78
N LEU A 243 17.55 32.43 -3.52
CA LEU A 243 16.63 32.04 -4.58
C LEU A 243 16.35 33.22 -5.52
N GLU A 244 16.42 32.99 -6.83
CA GLU A 244 16.17 34.01 -7.86
C GLU A 244 14.80 34.66 -7.63
N LYS A 245 14.72 35.98 -7.68
CA LYS A 245 13.49 36.67 -7.30
C LYS A 245 12.30 36.31 -8.17
N GLU A 246 12.51 36.07 -9.46
CA GLU A 246 11.40 35.70 -10.33
C GLU A 246 10.92 34.29 -10.03
N ALA A 247 11.82 33.39 -9.61
CA ALA A 247 11.41 32.05 -9.18
C ALA A 247 10.58 32.11 -7.89
N LYS A 248 11.06 32.85 -6.91
CA LYS A 248 10.27 33.11 -5.69
C LYS A 248 8.87 33.66 -6.03
N ASP A 249 8.84 34.65 -6.91
CA ASP A 249 7.59 35.33 -7.27
C ASP A 249 6.58 34.37 -7.91
N LEU A 250 7.07 33.50 -8.78
CA LEU A 250 6.18 32.52 -9.41
C LEU A 250 5.59 31.61 -8.35
N LEU A 251 6.46 31.12 -7.47
CA LEU A 251 6.05 30.24 -6.38
C LEU A 251 5.03 30.93 -5.48
N VAL A 252 5.25 32.20 -5.13
CA VAL A 252 4.27 32.95 -4.30
C VAL A 252 2.89 32.98 -4.99
N LYS A 253 2.90 33.13 -6.31
CA LYS A 253 1.64 33.19 -7.05
C LYS A 253 0.95 31.87 -7.25
N LEU A 254 1.70 30.77 -7.14
CA LEU A 254 1.11 29.43 -7.23
C LEU A 254 0.60 29.01 -5.84
N PHE A 255 1.26 29.45 -4.79
CA PHE A 255 0.87 29.04 -3.45
C PHE A 255 -0.18 30.00 -2.86
N VAL A 256 -1.16 30.37 -3.66
CA VAL A 256 -2.30 31.14 -3.19
C VAL A 256 -3.38 30.14 -2.82
N ARG A 257 -3.91 30.23 -1.61
CA ARG A 257 -4.82 29.20 -1.13
C ARG A 257 -6.25 29.29 -1.70
N GLU A 258 -6.73 30.52 -1.94
CA GLU A 258 -7.97 30.73 -2.70
C GLU A 258 -7.78 30.31 -4.17
N PRO A 259 -8.44 29.22 -4.58
CA PRO A 259 -8.09 28.67 -5.91
C PRO A 259 -8.39 29.59 -7.08
N GLU A 260 -9.44 30.39 -6.97
CA GLU A 260 -9.77 31.30 -8.07
C GLU A 260 -8.77 32.44 -8.21
N LYS A 261 -7.88 32.62 -7.24
CA LYS A 261 -6.87 33.66 -7.32
C LYS A 261 -5.50 33.10 -7.64
N ARG A 262 -5.43 31.81 -7.95
CA ARG A 262 -4.14 31.14 -8.16
C ARG A 262 -3.69 31.24 -9.62
N LEU A 263 -2.41 31.54 -9.83
CA LEU A 263 -1.89 31.67 -11.17
C LEU A 263 -2.00 30.28 -11.83
N GLY A 264 -2.35 30.25 -13.11
CA GLY A 264 -2.70 28.99 -13.78
C GLY A 264 -4.21 28.86 -13.86
N VAL A 265 -4.90 29.23 -12.81
CA VAL A 265 -6.33 29.39 -12.82
C VAL A 265 -6.66 30.78 -13.36
N ARG A 266 -5.98 31.79 -12.82
CA ARG A 266 -6.12 33.21 -13.20
CA ARG A 266 -6.16 33.17 -13.26
C ARG A 266 -4.89 33.60 -14.01
N GLY A 267 -4.99 34.73 -14.71
CA GLY A 267 -3.86 35.31 -15.43
C GLY A 267 -3.27 34.44 -16.53
N ASP A 268 -2.03 34.70 -16.89
CA ASP A 268 -1.38 33.92 -17.95
C ASP A 268 0.01 33.50 -17.47
N ILE A 269 0.09 32.27 -16.99
CA ILE A 269 1.33 31.77 -16.44
C ILE A 269 2.49 31.77 -17.45
N ARG A 270 2.19 31.58 -18.73
CA ARG A 270 3.21 31.65 -19.77
C ARG A 270 3.92 33.02 -19.85
N GLN A 271 3.23 34.08 -19.42
CA GLN A 271 3.81 35.44 -19.43
C GLN A 271 4.56 35.79 -18.14
N HIS A 272 4.69 34.86 -17.22
CA HIS A 272 5.50 35.15 -16.03
C HIS A 272 6.97 35.37 -16.41
N PRO A 273 7.61 36.41 -15.81
CA PRO A 273 9.00 36.75 -16.14
C PRO A 273 10.03 35.64 -15.98
N LEU A 274 9.80 34.67 -15.10
CA LEU A 274 10.69 33.50 -15.06
C LEU A 274 10.88 32.90 -16.44
N PHE A 275 9.82 32.95 -17.26
CA PHE A 275 9.80 32.30 -18.56
C PHE A 275 10.07 33.27 -19.72
N ARG A 276 10.56 34.48 -19.43
CA ARG A 276 10.67 35.51 -20.44
C ARG A 276 11.56 35.13 -21.63
N GLU A 277 12.52 34.23 -21.42
CA GLU A 277 13.38 33.78 -22.52
C GLU A 277 12.77 32.63 -23.33
N ILE A 278 11.61 32.12 -22.92
CA ILE A 278 11.01 30.96 -23.58
C ILE A 278 10.11 31.39 -24.75
N ASN A 279 10.39 30.86 -25.92
CA ASN A 279 9.44 30.94 -27.01
C ASN A 279 8.62 29.65 -26.93
N TRP A 280 7.34 29.79 -26.58
CA TRP A 280 6.51 28.62 -26.23
C TRP A 280 6.20 27.71 -27.44
N GLU A 281 6.13 28.33 -28.61
CA GLU A 281 5.88 27.62 -29.87
C GLU A 281 7.06 26.75 -30.23
N GLU A 282 8.26 27.33 -30.13
CA GLU A 282 9.49 26.56 -30.30
C GLU A 282 9.61 25.43 -29.26
N LEU A 283 9.29 25.75 -28.02
CA LEU A 283 9.34 24.74 -26.95
C LEU A 283 8.45 23.54 -27.27
N GLU A 284 7.23 23.82 -27.70
CA GLU A 284 6.28 22.78 -28.00
C GLU A 284 6.73 21.92 -29.17
N ARG A 285 7.49 22.47 -30.11
CA ARG A 285 8.00 21.68 -31.23
C ARG A 285 9.36 21.03 -30.90
N LYS A 286 9.79 21.09 -29.63
CA LYS A 286 11.07 20.52 -29.19
C LYS A 286 12.28 21.12 -29.94
N GLU A 287 12.21 22.40 -30.23
CA GLU A 287 13.29 23.08 -30.91
C GLU A 287 14.21 23.81 -29.93
N ILE A 288 13.91 23.77 -28.63
CA ILE A 288 14.80 24.33 -27.61
C ILE A 288 15.55 23.16 -26.98
N ASP A 289 16.88 23.22 -26.96
CA ASP A 289 17.70 22.13 -26.41
C ASP A 289 17.55 22.07 -24.88
N PRO A 290 17.30 20.87 -24.32
CA PRO A 290 17.24 20.77 -22.85
C PRO A 290 18.60 21.09 -22.23
N PRO A 291 18.63 21.84 -21.12
CA PRO A 291 19.93 22.15 -20.50
C PRO A 291 20.64 20.93 -19.95
N PHE A 292 19.89 19.88 -19.60
CA PHE A 292 20.47 18.60 -19.18
C PHE A 292 20.24 17.54 -20.25
N ARG A 293 21.33 16.93 -20.75
CA ARG A 293 21.21 15.81 -21.67
C ARG A 293 21.51 14.48 -21.01
N PRO A 294 20.53 13.59 -20.93
CA PRO A 294 20.83 12.30 -20.33
C PRO A 294 21.97 11.60 -21.06
N LYS A 295 22.72 10.80 -20.34
CA LYS A 295 23.76 9.99 -20.89
C LYS A 295 23.09 8.70 -21.33
N VAL A 296 22.98 8.48 -22.63
CA VAL A 296 22.43 7.22 -23.16
C VAL A 296 23.30 6.72 -24.31
N LYS A 297 23.65 5.44 -24.25
CA LYS A 297 24.55 4.82 -25.20
C LYS A 297 23.83 4.06 -26.33
N SER A 298 22.54 3.75 -26.14
CA SER A 298 21.79 3.01 -27.17
C SER A 298 20.29 3.18 -26.96
N PRO A 299 19.47 2.71 -27.91
CA PRO A 299 18.02 2.78 -27.69
C PRO A 299 17.53 1.88 -26.55
N PHE A 300 18.31 0.85 -26.18
CA PHE A 300 17.92 -0.07 -25.10
C PHE A 300 18.64 0.16 -23.77
N ASP A 301 19.54 1.14 -23.75
CA ASP A 301 20.34 1.46 -22.57
C ASP A 301 19.35 1.72 -21.43
N CYS A 302 19.57 1.06 -20.29
CA CYS A 302 18.73 1.29 -19.12
C CYS A 302 19.53 1.72 -17.88
N SER A 303 20.68 2.36 -18.12
CA SER A 303 21.53 2.86 -17.02
C SER A 303 20.96 4.05 -16.20
N ASN A 304 19.93 4.75 -16.69
CA ASN A 304 19.35 5.88 -15.93
C ASN A 304 18.18 5.52 -14.99
N PHE A 305 18.15 4.27 -14.58
CA PHE A 305 17.12 3.75 -13.69
C PHE A 305 17.79 3.13 -12.47
N ASP A 306 17.03 3.06 -11.40
CA ASP A 306 17.53 2.53 -10.13
C ASP A 306 17.96 1.07 -10.27
N LYS A 307 19.14 0.73 -9.75
CA LYS A 307 19.72 -0.61 -9.90
C LYS A 307 18.99 -1.63 -9.03
N GLU A 308 18.36 -1.14 -7.97
CA GLU A 308 17.52 -1.97 -7.10
C GLU A 308 16.54 -2.83 -7.91
N PHE A 309 15.96 -2.26 -8.96
CA PHE A 309 14.95 -2.95 -9.78
C PHE A 309 15.61 -3.75 -10.91
N LEU A 310 16.62 -3.15 -11.56
CA LEU A 310 17.25 -3.74 -12.75
C LEU A 310 17.83 -5.11 -12.47
N ASN A 311 18.22 -5.35 -11.23
CA ASN A 311 18.78 -6.63 -10.83
C ASN A 311 17.78 -7.79 -10.74
N GLU A 312 16.48 -7.48 -10.72
CA GLU A 312 15.45 -8.52 -10.61
C GLU A 312 15.18 -9.19 -11.94
N LYS A 313 15.06 -10.51 -11.92
CA LYS A 313 14.65 -11.26 -13.11
C LYS A 313 13.20 -10.90 -13.43
N PRO A 314 12.95 -10.45 -14.66
CA PRO A 314 11.57 -10.14 -15.05
C PRO A 314 10.64 -11.33 -14.85
N ARG A 315 9.54 -11.11 -14.13
CA ARG A 315 8.57 -12.15 -13.85
C ARG A 315 7.21 -11.50 -13.56
N LEU A 316 6.16 -12.11 -14.10
CA LEU A 316 4.79 -11.74 -13.77
C LEU A 316 4.33 -12.68 -12.70
N SEP A 317 3.74 -12.18 -11.64
CA SEP A 317 3.39 -13.09 -10.59
CB SEP A 317 3.54 -12.54 -9.19
OG SEP A 317 3.49 -11.14 -8.92
C SEP A 317 2.06 -13.75 -10.78
O SEP A 317 1.26 -13.36 -11.62
P SEP A 317 4.07 -10.98 -7.41
O1P SEP A 317 2.89 -10.63 -6.53
O2P SEP A 317 5.13 -9.93 -7.55
O3P SEP A 317 4.59 -12.35 -7.08
N PHE A 318 1.86 -14.80 -10.00
CA PHE A 318 0.61 -15.51 -10.01
C PHE A 318 -0.52 -14.62 -9.52
N ALA A 319 -1.73 -14.98 -9.93
CA ALA A 319 -2.95 -14.33 -9.48
C ALA A 319 -3.73 -15.28 -8.58
N ASP A 320 -4.54 -14.69 -7.70
CA ASP A 320 -5.49 -15.41 -6.88
C ASP A 320 -6.66 -15.92 -7.72
N ARG A 321 -6.62 -17.20 -8.08
CA ARG A 321 -7.63 -17.82 -8.95
C ARG A 321 -9.06 -17.65 -8.49
N ALA A 322 -9.29 -17.73 -7.18
CA ALA A 322 -10.65 -17.65 -6.64
C ALA A 322 -11.27 -16.30 -6.99
N LEU A 323 -10.46 -15.27 -6.87
CA LEU A 323 -10.88 -13.91 -7.18
C LEU A 323 -11.07 -13.71 -8.69
N ILE A 324 -10.14 -14.25 -9.47
CA ILE A 324 -10.19 -14.13 -10.93
C ILE A 324 -11.46 -14.81 -11.41
N ASN A 325 -11.64 -16.08 -11.03
CA ASN A 325 -12.80 -16.87 -11.43
C ASN A 325 -14.14 -16.32 -10.97
N SER A 326 -14.15 -15.50 -9.94
CA SER A 326 -15.40 -15.00 -9.36
C SER A 326 -15.76 -13.58 -9.78
N MET A 327 -14.78 -12.80 -10.23
CA MET A 327 -15.07 -11.43 -10.62
C MET A 327 -15.71 -11.40 -11.99
N ASP A 328 -16.43 -10.32 -12.24
CA ASP A 328 -17.00 -10.06 -13.55
C ASP A 328 -15.89 -9.58 -14.48
N GLN A 329 -15.55 -10.37 -15.50
CA GLN A 329 -14.51 -9.91 -16.46
C GLN A 329 -14.94 -8.67 -17.26
N ASN A 330 -16.23 -8.57 -17.56
CA ASN A 330 -16.75 -7.33 -18.14
C ASN A 330 -16.31 -6.05 -17.47
N MET A 331 -15.82 -6.12 -16.23
CA MET A 331 -15.19 -4.96 -15.59
C MET A 331 -14.16 -4.23 -16.46
N PHE A 332 -13.40 -4.98 -17.25
CA PHE A 332 -12.38 -4.38 -18.11
C PHE A 332 -12.80 -4.37 -19.58
N ARG A 333 -14.10 -4.30 -19.85
CA ARG A 333 -14.56 -4.23 -21.24
C ARG A 333 -14.07 -2.93 -21.89
N ASN A 334 -13.70 -3.07 -23.16
CA ASN A 334 -13.12 -2.01 -23.96
C ASN A 334 -11.76 -1.55 -23.48
N PHE A 335 -11.08 -2.34 -22.66
CA PHE A 335 -9.70 -2.00 -22.29
C PHE A 335 -8.80 -2.05 -23.49
N SEP A 336 -9.02 -3.02 -24.38
CA SEP A 336 -8.11 -3.24 -25.47
CB SEP A 336 -8.39 -4.55 -26.21
OG SEP A 336 -7.78 -5.58 -25.45
C SEP A 336 -8.15 -2.12 -26.48
O SEP A 336 -9.23 -1.62 -26.82
P SEP A 336 -8.20 -7.11 -25.74
O1P SEP A 336 -7.35 -8.01 -24.85
O2P SEP A 336 -9.67 -7.05 -25.46
O3P SEP A 336 -7.81 -7.21 -27.17
N PHE A 337 -6.98 -1.78 -27.01
CA PHE A 337 -6.87 -0.69 -27.97
C PHE A 337 -5.57 -0.87 -28.71
N MET A 338 -5.59 -0.65 -30.02
CA MET A 338 -4.35 -0.65 -30.78
C MET A 338 -4.21 0.46 -31.82
N ASN A 339 -3.07 1.13 -31.80
CA ASN A 339 -2.88 2.21 -32.77
CA ASN A 339 -2.81 2.20 -32.77
C ASN A 339 -2.41 1.62 -34.12
N PRO A 340 -2.65 2.36 -35.22
CA PRO A 340 -2.33 1.83 -36.57
C PRO A 340 -0.87 1.41 -36.77
N GLY A 341 0.06 2.18 -36.22
CA GLY A 341 1.50 1.91 -36.35
C GLY A 341 1.88 0.61 -35.66
N MET A 342 1.37 0.41 -34.45
CA MET A 342 1.56 -0.85 -33.79
C MET A 342 0.96 -2.00 -34.61
N GLU A 343 -0.29 -1.84 -35.07
CA GLU A 343 -0.94 -2.89 -35.87
C GLU A 343 -0.11 -3.27 -37.10
N ARG A 344 0.49 -2.29 -37.76
CA ARG A 344 1.39 -2.57 -38.87
C ARG A 344 2.58 -3.44 -38.44
N LEU A 345 3.23 -3.10 -37.33
CA LEU A 345 4.39 -3.89 -36.85
C LEU A 345 4.04 -5.35 -36.56
N ILE A 346 2.90 -5.55 -35.88
CA ILE A 346 2.40 -6.88 -35.57
C ILE A 346 2.12 -7.69 -36.84
N SER A 347 1.33 -7.12 -37.73
CA SER A 347 0.87 -7.82 -38.93
C SER A 347 2.02 -8.09 -39.91
N HIS A 348 3.05 -7.25 -39.86
CA HIS A 348 4.25 -7.46 -40.66
C HIS A 348 5.03 -8.70 -40.23
N HIS A 349 5.10 -8.97 -38.92
CA HIS A 349 5.79 -10.16 -38.39
C HIS A 349 4.83 -11.32 -38.04
N HIS A 350 3.70 -11.40 -38.74
CA HIS A 350 2.68 -12.41 -38.44
C HIS A 350 2.98 -13.73 -39.15
N LEU B 16 -27.82 -5.37 7.64
CA LEU B 16 -28.04 -5.70 6.20
C LEU B 16 -28.66 -7.08 6.07
N LYS B 17 -28.75 -7.56 4.84
CA LYS B 17 -29.20 -8.91 4.54
C LYS B 17 -28.00 -9.74 4.08
N ILE B 18 -28.05 -11.04 4.37
CA ILE B 18 -27.10 -11.99 3.77
C ILE B 18 -27.34 -12.11 2.26
N GLU B 19 -28.60 -11.94 1.85
CA GLU B 19 -28.97 -12.01 0.45
C GLU B 19 -28.40 -10.84 -0.36
N ASP B 20 -27.87 -9.82 0.32
CA ASP B 20 -27.12 -8.75 -0.34
C ASP B 20 -25.76 -9.22 -0.88
N PHE B 21 -25.32 -10.40 -0.45
CA PHE B 21 -24.02 -10.94 -0.84
C PHE B 21 -24.19 -12.16 -1.72
N GLU B 22 -23.26 -12.35 -2.65
CA GLU B 22 -23.16 -13.59 -3.38
C GLU B 22 -21.98 -14.33 -2.79
N LEU B 23 -22.24 -15.52 -2.26
CA LEU B 23 -21.18 -16.34 -1.71
C LEU B 23 -20.55 -17.11 -2.87
N HIS B 24 -19.27 -16.86 -3.13
CA HIS B 24 -18.59 -17.41 -4.30
C HIS B 24 -17.79 -18.66 -3.98
N LYS B 25 -17.30 -18.77 -2.76
CA LYS B 25 -16.45 -19.89 -2.43
C LYS B 25 -16.33 -20.05 -0.93
N MET B 26 -16.30 -21.31 -0.49
CA MET B 26 -15.95 -21.64 0.89
C MET B 26 -14.43 -21.64 1.00
N LEU B 27 -13.88 -20.77 1.84
CA LEU B 27 -12.43 -20.63 1.98
C LEU B 27 -11.85 -21.51 3.08
N GLY B 28 -12.67 -21.87 4.06
CA GLY B 28 -12.19 -22.69 5.17
C GLY B 28 -13.27 -22.88 6.23
N LYS B 29 -13.11 -23.91 7.03
CA LYS B 29 -14.07 -24.23 8.07
C LYS B 29 -13.41 -24.95 9.25
N GLY B 30 -14.02 -24.83 10.44
CA GLY B 30 -13.49 -25.49 11.63
C GLY B 30 -14.19 -25.00 12.88
N SER B 31 -13.48 -24.96 13.99
CA SER B 31 -14.08 -24.52 15.25
C SER B 31 -14.60 -23.08 15.15
N PHE B 32 -13.96 -22.28 14.29
CA PHE B 32 -14.31 -20.88 14.10
C PHE B 32 -15.59 -20.66 13.32
N GLY B 33 -16.06 -21.68 12.61
CA GLY B 33 -17.27 -21.58 11.78
C GLY B 33 -16.97 -21.88 10.32
N LYS B 34 -17.51 -21.03 9.42
CA LYS B 34 -17.21 -21.09 7.98
C LYS B 34 -16.89 -19.70 7.43
N VAL B 35 -15.84 -19.62 6.61
CA VAL B 35 -15.46 -18.37 5.97
C VAL B 35 -15.66 -18.48 4.47
N PHE B 36 -16.43 -17.56 3.90
CA PHE B 36 -16.70 -17.53 2.48
C PHE B 36 -16.08 -16.29 1.82
N LEU B 37 -15.65 -16.44 0.57
CA LEU B 37 -15.36 -15.29 -0.32
C LEU B 37 -16.70 -14.81 -0.89
N ALA B 38 -17.00 -13.54 -0.62
CA ALA B 38 -18.31 -13.00 -0.86
C ALA B 38 -18.25 -11.68 -1.62
N GLU B 39 -19.09 -11.54 -2.64
CA GLU B 39 -19.22 -10.31 -3.42
C GLU B 39 -20.42 -9.55 -2.92
N PHE B 40 -20.30 -8.23 -2.73
CA PHE B 40 -21.45 -7.45 -2.28
C PHE B 40 -22.49 -7.26 -3.40
N LYS B 41 -22.28 -7.95 -4.52
CA LYS B 41 -23.34 -8.21 -5.51
C LYS B 41 -23.56 -6.98 -6.37
N LYS B 42 -23.88 -5.86 -5.72
CA LYS B 42 -23.90 -4.59 -6.39
C LYS B 42 -22.46 -4.24 -6.78
N THR B 43 -21.68 -3.75 -5.82
CA THR B 43 -20.49 -2.97 -6.08
C THR B 43 -19.33 -3.75 -6.69
N ASN B 44 -19.48 -5.07 -6.82
CA ASN B 44 -18.36 -5.91 -7.23
C ASN B 44 -17.20 -5.86 -6.23
N GLN B 45 -17.50 -5.44 -4.99
CA GLN B 45 -16.51 -5.40 -3.91
C GLN B 45 -16.54 -6.75 -3.21
N PHE B 46 -15.36 -7.30 -2.92
CA PHE B 46 -15.27 -8.63 -2.33
C PHE B 46 -14.86 -8.58 -0.88
N PHE B 47 -15.34 -9.55 -0.11
CA PHE B 47 -15.07 -9.65 1.32
C PHE B 47 -14.90 -11.11 1.72
N ALA B 48 -14.42 -11.32 2.95
CA ALA B 48 -14.44 -12.63 3.58
C ALA B 48 -15.49 -12.56 4.68
N ILE B 49 -16.54 -13.35 4.56
CA ILE B 49 -17.57 -13.43 5.59
C ILE B 49 -17.41 -14.70 6.42
N LYS B 50 -17.26 -14.53 7.74
CA LYS B 50 -17.33 -15.63 8.70
C LYS B 50 -18.77 -15.82 9.18
N ALA B 51 -19.32 -17.01 8.94
CA ALA B 51 -20.68 -17.35 9.37
C ALA B 51 -20.66 -18.32 10.54
N LEU B 52 -21.42 -17.99 11.59
CA LEU B 52 -21.57 -18.85 12.76
C LEU B 52 -23.03 -19.21 12.95
N LYS B 53 -23.27 -20.47 13.32
CA LYS B 53 -24.60 -20.95 13.66
C LYS B 53 -24.90 -20.61 15.13
N LYS B 54 -26.02 -19.90 15.37
CA LYS B 54 -26.37 -19.46 16.72
C LYS B 54 -26.55 -20.64 17.69
N ASP B 55 -27.10 -21.74 17.21
CA ASP B 55 -27.33 -22.94 18.04
C ASP B 55 -26.03 -23.56 18.56
N VAL B 56 -24.98 -23.55 17.72
CA VAL B 56 -23.68 -24.12 18.11
C VAL B 56 -22.93 -23.18 19.05
N VAL B 57 -23.13 -21.87 18.88
CA VAL B 57 -22.54 -20.88 19.77
C VAL B 57 -23.13 -21.01 21.19
N LEU B 58 -24.46 -21.05 21.26
CA LEU B 58 -25.16 -21.34 22.51
C LEU B 58 -24.67 -22.65 23.09
N MET B 59 -24.71 -23.69 22.27
CA MET B 59 -24.32 -25.06 22.64
C MET B 59 -22.95 -25.17 23.31
N ASP B 60 -21.95 -24.48 22.77
CA ASP B 60 -20.60 -24.52 23.33
C ASP B 60 -20.38 -23.33 24.25
N ASP B 61 -21.48 -22.76 24.75
CA ASP B 61 -21.46 -21.60 25.63
C ASP B 61 -20.49 -20.49 25.16
N ASP B 62 -20.55 -20.17 23.87
CA ASP B 62 -19.62 -19.20 23.27
C ASP B 62 -20.25 -17.83 23.03
N VAL B 63 -21.40 -17.58 23.63
CA VAL B 63 -22.15 -16.36 23.34
C VAL B 63 -21.28 -15.15 23.63
N GLU B 64 -20.71 -15.11 24.83
CA GLU B 64 -19.90 -13.97 25.22
C GLU B 64 -18.68 -13.79 24.31
N CYS B 65 -18.05 -14.90 23.92
CA CYS B 65 -16.87 -14.85 23.04
C CYS B 65 -17.17 -14.10 21.74
N THR B 66 -18.31 -14.43 21.15
CA THR B 66 -18.77 -13.82 19.91
C THR B 66 -19.04 -12.33 20.09
N MET B 67 -19.68 -11.97 21.20
CA MET B 67 -19.95 -10.58 21.51
C MET B 67 -18.66 -9.82 21.81
N VAL B 68 -17.74 -10.48 22.51
CA VAL B 68 -16.41 -9.91 22.74
C VAL B 68 -15.75 -9.64 21.40
N GLU B 69 -15.85 -10.62 20.49
CA GLU B 69 -15.21 -10.49 19.19
C GLU B 69 -15.76 -9.27 18.44
N LYS B 70 -17.08 -9.15 18.41
CA LYS B 70 -17.75 -8.02 17.79
C LYS B 70 -17.24 -6.69 18.34
N ARG B 71 -17.25 -6.54 19.66
CA ARG B 71 -16.86 -5.28 20.28
C ARG B 71 -15.40 -4.93 19.99
N VAL B 72 -14.52 -5.91 20.13
CA VAL B 72 -13.11 -5.69 19.81
C VAL B 72 -12.91 -5.31 18.33
N LEU B 73 -13.55 -6.07 17.42
CA LEU B 73 -13.48 -5.75 15.99
C LEU B 73 -14.00 -4.32 15.69
N SER B 74 -14.88 -3.80 16.53
CA SER B 74 -15.38 -2.42 16.38
C SER B 74 -14.29 -1.36 16.55
N LEU B 75 -13.24 -1.72 17.29
CA LEU B 75 -12.08 -0.86 17.53
C LEU B 75 -10.97 -1.15 16.53
N ALA B 76 -11.06 -2.30 15.87
CA ALA B 76 -9.94 -2.86 15.14
C ALA B 76 -9.60 -2.16 13.83
N TRP B 77 -10.61 -1.58 13.17
CA TRP B 77 -10.37 -0.85 11.91
C TRP B 77 -9.32 0.24 12.09
N GLU B 78 -9.13 0.67 13.33
CA GLU B 78 -8.18 1.73 13.67
C GLU B 78 -6.72 1.31 13.46
N HIS B 79 -6.44 0.02 13.47
CA HIS B 79 -5.06 -0.44 13.39
C HIS B 79 -4.76 -1.22 12.11
N PRO B 80 -3.60 -0.96 11.49
CA PRO B 80 -3.23 -1.66 10.25
C PRO B 80 -2.98 -3.17 10.36
N PHE B 81 -2.60 -3.66 11.54
CA PHE B 81 -2.16 -5.05 11.69
C PHE B 81 -3.18 -5.97 12.38
N LEU B 82 -4.43 -5.51 12.46
CA LEU B 82 -5.54 -6.32 12.93
C LEU B 82 -6.52 -6.48 11.78
N THR B 83 -7.21 -7.61 11.71
CA THR B 83 -8.22 -7.81 10.67
C THR B 83 -9.33 -6.73 10.79
N HIS B 84 -9.68 -6.10 9.67
CA HIS B 84 -10.74 -5.09 9.71
C HIS B 84 -12.08 -5.71 9.45
N MET B 85 -13.03 -5.38 10.32
CA MET B 85 -14.42 -5.75 10.15
C MET B 85 -15.15 -4.57 9.54
N PHE B 86 -15.81 -4.79 8.42
CA PHE B 86 -16.61 -3.75 7.78
C PHE B 86 -18.00 -3.65 8.41
N CYS B 87 -18.60 -4.81 8.65
CA CYS B 87 -19.89 -4.83 9.29
C CYS B 87 -20.23 -6.22 9.83
N THR B 88 -21.27 -6.22 10.65
CA THR B 88 -21.68 -7.35 11.41
C THR B 88 -23.22 -7.28 11.48
N PHE B 89 -23.86 -8.42 11.27
CA PHE B 89 -25.32 -8.50 11.34
C PHE B 89 -25.74 -9.95 11.57
N GLN B 90 -26.99 -10.15 11.98
CA GLN B 90 -27.49 -11.48 12.31
C GLN B 90 -28.80 -11.78 11.59
N THR B 91 -28.98 -13.05 11.19
CA THR B 91 -30.29 -13.57 10.81
C THR B 91 -30.83 -14.29 12.04
N LYS B 92 -32.02 -14.86 11.92
CA LYS B 92 -32.60 -15.62 13.03
C LYS B 92 -31.70 -16.80 13.41
N GLU B 93 -31.01 -17.37 12.42
CA GLU B 93 -30.25 -18.59 12.61
C GLU B 93 -28.74 -18.37 12.70
N ASN B 94 -28.25 -17.27 12.13
CA ASN B 94 -26.81 -17.07 11.97
C ASN B 94 -26.29 -15.71 12.39
N LEU B 95 -25.00 -15.69 12.70
CA LEU B 95 -24.24 -14.47 12.96
C LEU B 95 -23.18 -14.32 11.86
N PHE B 96 -23.03 -13.11 11.34
CA PHE B 96 -22.12 -12.86 10.22
C PHE B 96 -21.16 -11.72 10.51
N PHE B 97 -19.87 -11.99 10.37
CA PHE B 97 -18.86 -10.96 10.40
C PHE B 97 -18.41 -10.71 8.97
N VAL B 98 -18.56 -9.49 8.48
CA VAL B 98 -18.09 -9.16 7.14
C VAL B 98 -16.73 -8.51 7.26
N MET B 99 -15.70 -9.25 6.84
CA MET B 99 -14.29 -8.89 6.99
C MET B 99 -13.64 -8.53 5.66
N GLU B 100 -12.48 -7.87 5.75
CA GLU B 100 -11.64 -7.65 4.59
C GLU B 100 -11.08 -8.98 4.13
N TYR B 101 -11.02 -9.17 2.82
CA TYR B 101 -10.46 -10.38 2.24
C TYR B 101 -8.94 -10.32 2.23
N LEU B 102 -8.29 -11.33 2.82
CA LEU B 102 -6.84 -11.42 2.88
C LEU B 102 -6.40 -12.74 2.27
N ASN B 103 -5.40 -12.73 1.42
CA ASN B 103 -5.05 -13.95 0.70
C ASN B 103 -3.57 -14.29 0.73
N GLY B 104 -2.86 -13.72 1.70
CA GLY B 104 -1.44 -13.97 1.85
C GLY B 104 -1.11 -15.27 2.60
N GLY B 105 -2.09 -15.87 3.26
CA GLY B 105 -1.88 -17.09 4.04
C GLY B 105 -1.53 -16.77 5.49
N ASP B 106 -1.50 -17.78 6.37
CA ASP B 106 -1.13 -17.53 7.76
C ASP B 106 0.29 -18.02 8.06
N LEU B 107 0.86 -17.55 9.15
CA LEU B 107 2.26 -17.84 9.46
C LEU B 107 2.54 -19.29 9.74
N MET B 108 1.56 -20.01 10.30
CA MET B 108 1.71 -21.45 10.46
C MET B 108 1.92 -22.13 9.09
N TYR B 109 1.09 -21.76 8.12
CA TYR B 109 1.23 -22.31 6.78
C TYR B 109 2.60 -22.00 6.20
N HIS B 110 3.09 -20.78 6.44
CA HIS B 110 4.35 -20.32 5.86
C HIS B 110 5.57 -20.97 6.49
N ILE B 111 5.49 -21.22 7.77
CA ILE B 111 6.59 -21.87 8.47
C ILE B 111 6.67 -23.38 8.16
N GLN B 112 5.53 -24.00 7.87
CA GLN B 112 5.48 -25.36 7.31
C GLN B 112 6.41 -25.47 6.11
N SER B 113 6.32 -24.50 5.21
CA SER B 113 7.03 -24.54 3.92
C SER B 113 8.51 -24.42 4.11
N CYS B 114 8.95 -23.49 4.96
CA CYS B 114 10.37 -23.21 5.07
C CYS B 114 11.00 -23.63 6.40
N HIS B 115 10.26 -24.34 7.25
CA HIS B 115 10.74 -24.80 8.57
C HIS B 115 10.92 -23.68 9.60
N LYS B 116 11.70 -22.66 9.27
CA LYS B 116 11.83 -21.51 10.15
C LYS B 116 12.11 -20.25 9.34
N PHE B 117 11.89 -19.09 9.96
CA PHE B 117 12.11 -17.83 9.27
C PHE B 117 13.53 -17.31 9.51
N ASP B 118 14.11 -16.65 8.51
CA ASP B 118 15.43 -16.03 8.67
C ASP B 118 15.31 -14.85 9.62
N LEU B 119 16.45 -14.35 10.10
CA LEU B 119 16.45 -13.39 11.19
C LEU B 119 15.66 -12.12 10.88
N SER B 120 15.86 -11.51 9.71
CA SER B 120 15.18 -10.26 9.39
C SER B 120 13.68 -10.47 9.17
N ARG B 121 13.28 -11.59 8.57
CA ARG B 121 11.87 -11.92 8.38
C ARG B 121 11.18 -12.10 9.74
N ALA B 122 11.78 -12.91 10.62
CA ALA B 122 11.25 -13.12 11.97
C ALA B 122 11.15 -11.81 12.75
N THR B 123 12.18 -10.98 12.63
CA THR B 123 12.20 -9.71 13.37
C THR B 123 11.09 -8.78 12.87
N PHE B 124 10.90 -8.74 11.57
CA PHE B 124 9.84 -7.96 10.96
C PHE B 124 8.46 -8.36 11.49
N TYR B 125 8.13 -9.66 11.42
CA TYR B 125 6.84 -10.13 11.94
C TYR B 125 6.70 -9.82 13.43
N ALA B 126 7.76 -10.05 14.20
CA ALA B 126 7.76 -9.76 15.63
C ALA B 126 7.41 -8.28 15.93
N ALA B 127 8.02 -7.36 15.21
CA ALA B 127 7.74 -5.93 15.44
C ALA B 127 6.29 -5.55 15.11
N GLU B 128 5.76 -6.04 13.98
CA GLU B 128 4.39 -5.74 13.58
C GLU B 128 3.41 -6.31 14.62
N ILE B 129 3.69 -7.52 15.08
CA ILE B 129 2.88 -8.13 16.14
C ILE B 129 2.91 -7.30 17.42
N ILE B 130 4.08 -6.78 17.77
CA ILE B 130 4.20 -5.93 18.97
C ILE B 130 3.28 -4.71 18.89
N LEU B 131 3.26 -4.07 17.73
CA LEU B 131 2.41 -2.90 17.51
C LEU B 131 0.94 -3.26 17.65
N GLY B 132 0.55 -4.40 17.09
CA GLY B 132 -0.82 -4.86 17.21
C GLY B 132 -1.21 -5.11 18.65
N LEU B 133 -0.36 -5.84 19.36
CA LEU B 133 -0.59 -6.19 20.77
C LEU B 133 -0.70 -4.95 21.64
N GLN B 134 0.29 -4.08 21.54
CA GLN B 134 0.34 -2.87 22.35
C GLN B 134 -0.85 -1.95 22.09
N PHE B 135 -1.32 -1.92 20.85
CA PHE B 135 -2.54 -1.21 20.54
C PHE B 135 -3.69 -1.76 21.38
N LEU B 136 -3.88 -3.07 21.32
CA LEU B 136 -4.93 -3.74 22.08
C LEU B 136 -4.82 -3.44 23.57
N HIS B 137 -3.61 -3.61 24.09
CA HIS B 137 -3.35 -3.35 25.49
C HIS B 137 -3.70 -1.91 25.87
N SER B 138 -3.39 -0.96 24.99
CA SER B 138 -3.71 0.46 25.25
C SER B 138 -5.22 0.73 25.37
N LYS B 139 -6.00 -0.07 24.65
CA LYS B 139 -7.45 -0.03 24.72
C LYS B 139 -8.02 -0.85 25.86
N GLY B 140 -7.17 -1.58 26.59
CA GLY B 140 -7.61 -2.35 27.73
C GLY B 140 -8.16 -3.70 27.29
N ILE B 141 -7.51 -4.27 26.27
CA ILE B 141 -7.88 -5.54 25.72
C ILE B 141 -6.66 -6.47 25.76
N VAL B 142 -6.86 -7.65 26.35
CA VAL B 142 -5.83 -8.70 26.37
C VAL B 142 -6.33 -9.82 25.45
N TYR B 143 -5.44 -10.28 24.59
CA TYR B 143 -5.80 -11.09 23.44
C TYR B 143 -5.93 -12.58 23.80
N ARG B 144 -4.97 -13.10 24.56
CA ARG B 144 -5.04 -14.44 25.18
C ARG B 144 -4.90 -15.66 24.25
N ASP B 145 -4.87 -15.50 22.94
CA ASP B 145 -4.75 -16.67 22.07
C ASP B 145 -3.74 -16.47 20.95
N LEU B 146 -2.66 -15.75 21.25
CA LEU B 146 -1.64 -15.51 20.26
C LEU B 146 -1.01 -16.85 19.87
N LYS B 147 -0.96 -17.09 18.56
CA LYS B 147 -0.34 -18.26 17.96
C LYS B 147 -0.16 -18.04 16.45
N LEU B 148 0.70 -18.85 15.83
CA LEU B 148 1.05 -18.70 14.41
C LEU B 148 -0.19 -18.73 13.52
N ASP B 149 -1.12 -19.59 13.89
CA ASP B 149 -2.33 -19.82 13.12
C ASP B 149 -3.23 -18.59 13.06
N ASN B 150 -3.09 -17.69 14.03
CA ASN B 150 -3.96 -16.52 14.09
C ASN B 150 -3.32 -15.29 13.49
N ILE B 151 -2.12 -15.45 12.93
CA ILE B 151 -1.43 -14.35 12.23
C ILE B 151 -1.55 -14.58 10.72
N LEU B 152 -2.48 -13.85 10.11
CA LEU B 152 -2.66 -13.87 8.66
C LEU B 152 -1.67 -12.91 7.99
N LEU B 153 -1.40 -13.11 6.70
CA LEU B 153 -0.68 -12.11 5.91
C LEU B 153 -1.62 -11.50 4.88
N ASP B 154 -1.52 -10.19 4.67
CA ASP B 154 -2.17 -9.58 3.51
C ASP B 154 -1.34 -9.89 2.26
N LYS B 155 -1.85 -9.51 1.09
CA LYS B 155 -1.16 -9.78 -0.19
C LYS B 155 0.26 -9.17 -0.32
N ASP B 156 0.58 -8.18 0.48
CA ASP B 156 1.92 -7.58 0.44
C ASP B 156 2.88 -8.27 1.38
N GLY B 157 2.35 -8.96 2.38
CA GLY B 157 3.19 -9.58 3.37
C GLY B 157 3.19 -8.92 4.72
N HIS B 158 2.30 -7.94 4.94
CA HIS B 158 2.12 -7.36 6.27
C HIS B 158 1.18 -8.22 7.08
N ILE B 159 1.36 -8.24 8.40
CA ILE B 159 0.56 -9.11 9.24
C ILE B 159 -0.84 -8.56 9.57
N LYS B 160 -1.74 -9.51 9.85
CA LYS B 160 -3.07 -9.22 10.34
C LYS B 160 -3.45 -10.25 11.40
N ILE B 161 -3.49 -9.80 12.64
CA ILE B 161 -3.96 -10.62 13.75
C ILE B 161 -5.47 -10.83 13.62
N ALA B 162 -5.88 -12.10 13.65
CA ALA B 162 -7.25 -12.53 13.51
C ALA B 162 -7.79 -13.28 14.75
N ASP B 163 -9.11 -13.42 14.79
CA ASP B 163 -9.85 -14.10 15.86
C ASP B 163 -9.71 -13.48 17.25
N PHE B 164 -10.59 -12.54 17.57
CA PHE B 164 -10.56 -11.88 18.87
C PHE B 164 -11.56 -12.45 19.87
N GLY B 165 -12.09 -13.64 19.57
CA GLY B 165 -13.07 -14.30 20.42
C GLY B 165 -12.66 -14.61 21.85
N MET B 166 -11.36 -14.68 22.11
CA MET B 166 -10.85 -15.00 23.43
C MET B 166 -10.37 -13.79 24.21
N CYS B 167 -10.44 -12.60 23.60
CA CYS B 167 -10.02 -11.39 24.29
C CYS B 167 -10.81 -11.17 25.58
N LYS B 168 -10.23 -10.34 26.45
CA LYS B 168 -10.89 -9.85 27.66
C LYS B 168 -10.81 -8.34 27.65
N GLU B 169 -11.88 -7.68 28.12
CA GLU B 169 -12.18 -6.32 27.70
C GLU B 169 -12.00 -5.13 28.63
N ASN B 170 -11.55 -5.30 29.86
CA ASN B 170 -11.51 -4.11 30.72
C ASN B 170 -10.24 -4.03 31.54
N MET B 171 -9.13 -4.31 30.89
CA MET B 171 -7.85 -4.41 31.55
C MET B 171 -7.11 -3.09 31.50
N LEU B 172 -7.68 -2.06 32.10
CA LEU B 172 -6.96 -0.82 32.27
C LEU B 172 -6.33 -0.87 33.65
N GLY B 173 -5.19 -0.20 33.81
CA GLY B 173 -4.54 -0.02 35.10
C GLY B 173 -4.37 -1.28 35.94
N ASP B 174 -5.01 -1.31 37.10
CA ASP B 174 -4.83 -2.39 38.08
C ASP B 174 -5.48 -3.73 37.71
N ALA B 175 -6.37 -3.73 36.73
CA ALA B 175 -7.32 -4.82 36.57
C ALA B 175 -6.64 -6.16 36.22
N LYS B 176 -7.35 -7.25 36.55
CA LYS B 176 -6.87 -8.62 36.33
C LYS B 176 -8.09 -9.49 36.06
N THR B 177 -7.85 -10.66 35.47
CA THR B 177 -8.93 -11.64 35.23
C THR B 177 -8.40 -13.06 35.52
N ASN B 178 -9.26 -14.07 35.42
CA ASN B 178 -8.93 -15.39 35.96
C ASN B 178 -9.47 -16.61 35.19
N GLU B 179 -9.78 -16.45 33.90
CA GLU B 179 -10.29 -17.58 33.13
C GLU B 179 -9.11 -18.43 32.66
N PHE B 180 -9.27 -19.75 32.77
CA PHE B 180 -8.31 -20.70 32.26
C PHE B 180 -8.54 -20.79 30.77
N CYS B 181 -7.48 -20.56 30.03
CA CYS B 181 -7.66 -19.97 28.76
C CYS B 181 -6.44 -19.93 27.84
N GLY B 182 -6.61 -20.26 26.55
CA GLY B 182 -5.53 -20.19 25.57
C GLY B 182 -5.29 -21.47 24.76
N THR B 183 -4.16 -21.52 24.07
CA THR B 183 -3.78 -22.70 23.29
C THR B 183 -2.56 -23.36 23.96
N PRO B 184 -2.58 -24.70 24.14
CA PRO B 184 -1.62 -25.35 25.04
C PRO B 184 -0.17 -24.89 24.91
N ASP B 185 0.41 -24.93 23.71
CA ASP B 185 1.84 -24.55 23.56
C ASP B 185 2.19 -23.16 24.03
N TYR B 186 1.22 -22.25 23.96
CA TYR B 186 1.47 -20.83 24.15
C TYR B 186 1.01 -20.28 25.51
N ILE B 187 0.34 -21.11 26.31
CA ILE B 187 -0.28 -20.66 27.54
CA ILE B 187 -0.28 -20.66 27.56
C ILE B 187 0.77 -20.25 28.59
N ALA B 188 0.58 -19.07 29.19
CA ALA B 188 1.53 -18.53 30.18
C ALA B 188 1.51 -19.32 31.48
N PRO B 189 2.64 -19.38 32.19
CA PRO B 189 2.68 -20.14 33.44
C PRO B 189 1.72 -19.64 34.52
N GLU B 190 1.55 -18.33 34.64
CA GLU B 190 0.65 -17.76 35.65
C GLU B 190 -0.82 -18.23 35.47
N ILE B 191 -1.20 -18.55 34.23
CA ILE B 191 -2.51 -19.15 33.97
C ILE B 191 -2.51 -20.60 34.42
N LEU B 192 -1.45 -21.34 34.09
CA LEU B 192 -1.35 -22.73 34.50
C LEU B 192 -1.35 -22.88 36.01
N LEU B 193 -0.75 -21.91 36.71
CA LEU B 193 -0.76 -21.83 38.18
C LEU B 193 -2.05 -21.22 38.76
N GLY B 194 -3.07 -21.03 37.93
CA GLY B 194 -4.36 -20.46 38.36
C GLY B 194 -4.29 -19.09 39.03
N GLN B 195 -3.35 -18.24 38.61
CA GLN B 195 -3.20 -16.91 39.21
C GLN B 195 -4.05 -15.90 38.45
N LYS B 196 -4.48 -14.86 39.15
CA LYS B 196 -5.08 -13.70 38.50
C LYS B 196 -4.02 -13.07 37.62
N TYR B 197 -4.40 -12.63 36.44
CA TYR B 197 -3.42 -12.17 35.45
C TYR B 197 -3.92 -11.00 34.62
N ASN B 198 -2.97 -10.30 34.00
CA ASN B 198 -3.24 -9.15 33.14
C ASN B 198 -2.62 -9.39 31.75
N HIS B 199 -2.29 -8.32 31.04
CA HIS B 199 -1.67 -8.44 29.71
C HIS B 199 -0.36 -9.24 29.66
N SER B 200 0.24 -9.52 30.81
CA SER B 200 1.49 -10.26 30.89
C SER B 200 1.49 -11.53 30.04
N VAL B 201 0.33 -12.18 29.95
CA VAL B 201 0.20 -13.49 29.30
C VAL B 201 0.44 -13.41 27.80
N ASP B 202 0.04 -12.29 27.21
CA ASP B 202 0.25 -12.09 25.77
C ASP B 202 1.74 -12.05 25.46
N TRP B 203 2.54 -11.48 26.36
CA TRP B 203 3.99 -11.36 26.15
C TRP B 203 4.72 -12.71 26.28
N TRP B 204 4.20 -13.60 27.13
CA TRP B 204 4.69 -14.99 27.16
C TRP B 204 4.33 -15.72 25.87
N SER B 205 3.09 -15.57 25.40
CA SER B 205 2.66 -16.23 24.16
C SER B 205 3.48 -15.68 22.98
N PHE B 206 3.73 -14.38 23.02
CA PHE B 206 4.64 -13.74 22.06
C PHE B 206 6.03 -14.37 22.06
N GLY B 207 6.59 -14.61 23.24
CA GLY B 207 7.86 -15.36 23.35
C GLY B 207 7.85 -16.72 22.66
N VAL B 208 6.78 -17.47 22.89
CA VAL B 208 6.61 -18.81 22.30
C VAL B 208 6.57 -18.70 20.79
N LEU B 209 5.73 -17.78 20.29
CA LEU B 209 5.59 -17.57 18.86
C LEU B 209 6.93 -17.11 18.22
N LEU B 210 7.65 -16.23 18.88
CA LEU B 210 8.95 -15.75 18.37
C LEU B 210 9.98 -16.87 18.32
N TYR B 211 10.05 -17.62 19.41
CA TYR B 211 10.91 -18.80 19.49
C TYR B 211 10.60 -19.72 18.29
N GLU B 212 9.32 -19.95 18.02
CA GLU B 212 8.94 -20.84 16.90
C GLU B 212 9.40 -20.30 15.55
N MET B 213 9.22 -18.98 15.34
CA MET B 213 9.67 -18.35 14.11
C MET B 213 11.15 -18.52 13.87
N LEU B 214 11.93 -18.36 14.93
CA LEU B 214 13.38 -18.35 14.82
C LEU B 214 13.99 -19.75 14.76
N ILE B 215 13.38 -20.70 15.44
CA ILE B 215 13.98 -22.03 15.64
C ILE B 215 13.24 -23.15 14.91
N GLY B 216 11.96 -22.98 14.62
CA GLY B 216 11.21 -23.99 13.88
C GLY B 216 10.65 -25.13 14.73
N GLN B 217 10.70 -24.95 16.04
CA GLN B 217 10.18 -25.85 17.05
C GLN B 217 9.59 -25.02 18.15
N SER B 218 8.65 -25.59 18.89
CA SER B 218 8.13 -24.97 20.09
C SER B 218 9.14 -25.11 21.24
N PRO B 219 9.15 -24.14 22.17
CA PRO B 219 10.12 -24.17 23.26
C PRO B 219 9.78 -25.20 24.35
N PHE B 220 8.51 -25.52 24.52
CA PHE B 220 8.07 -26.45 25.56
C PHE B 220 7.41 -27.65 24.89
N HIS B 221 7.49 -28.80 25.52
CA HIS B 221 7.18 -30.09 24.89
C HIS B 221 6.59 -31.05 25.90
N GLY B 222 5.76 -31.95 25.40
CA GLY B 222 5.17 -33.01 26.19
C GLY B 222 4.36 -33.92 25.28
N GLN B 223 4.25 -35.17 25.69
CA GLN B 223 3.47 -36.19 24.97
C GLN B 223 1.99 -36.09 25.28
N ASP B 224 1.66 -35.41 26.37
CA ASP B 224 0.29 -35.07 26.69
C ASP B 224 0.30 -33.72 27.37
N GLU B 225 -0.89 -33.22 27.69
CA GLU B 225 -1.03 -31.91 28.23
C GLU B 225 -0.38 -31.74 29.63
N GLU B 226 -0.56 -32.70 30.51
CA GLU B 226 0.09 -32.71 31.84
C GLU B 226 1.62 -32.49 31.66
N GLU B 227 2.25 -33.22 30.75
CA GLU B 227 3.71 -33.10 30.55
C GLU B 227 4.04 -31.73 29.96
N LEU B 228 3.28 -31.32 28.95
CA LEU B 228 3.49 -30.01 28.32
C LEU B 228 3.38 -28.87 29.35
N PHE B 229 2.37 -28.93 30.21
CA PHE B 229 2.20 -27.91 31.25
C PHE B 229 3.35 -27.88 32.26
N HIS B 230 3.80 -29.05 32.69
CA HIS B 230 5.03 -29.14 33.49
C HIS B 230 6.23 -28.44 32.79
N SER B 231 6.41 -28.73 31.50
CA SER B 231 7.53 -28.16 30.74
C SER B 231 7.43 -26.62 30.71
N ILE B 232 6.24 -26.11 30.41
CA ILE B 232 6.02 -24.68 30.44
C ILE B 232 6.31 -24.06 31.82
N ARG B 233 5.93 -24.75 32.89
CA ARG B 233 6.15 -24.22 34.25
C ARG B 233 7.61 -24.34 34.71
N MET B 234 8.39 -25.28 34.16
CA MET B 234 9.66 -25.71 34.79
C MET B 234 10.91 -25.72 33.90
N ASP B 235 10.74 -26.00 32.60
CA ASP B 235 11.90 -26.27 31.72
C ASP B 235 12.63 -24.95 31.35
N ASN B 236 13.92 -25.05 31.12
CA ASN B 236 14.73 -23.95 30.59
C ASN B 236 14.74 -24.07 29.07
N PRO B 237 14.25 -23.04 28.35
CA PRO B 237 14.20 -23.20 26.89
C PRO B 237 15.58 -23.38 26.27
N PHE B 238 15.68 -24.26 25.29
CA PHE B 238 16.94 -24.53 24.60
C PHE B 238 17.19 -23.46 23.53
N TYR B 239 18.38 -22.88 23.55
CA TYR B 239 18.80 -21.95 22.51
C TYR B 239 20.01 -22.53 21.78
N PRO B 240 19.84 -22.90 20.50
CA PRO B 240 21.01 -23.48 19.84
C PRO B 240 22.15 -22.48 19.71
N ARG B 241 23.35 -23.02 19.54
CA ARG B 241 24.59 -22.25 19.46
C ARG B 241 24.52 -21.19 18.38
N TRP B 242 23.97 -21.56 17.22
CA TRP B 242 23.94 -20.66 16.07
C TRP B 242 23.03 -19.46 16.21
N LEU B 243 22.20 -19.41 17.26
CA LEU B 243 21.19 -18.34 17.36
C LEU B 243 21.81 -16.97 17.66
N GLU B 244 21.44 -15.98 16.85
CA GLU B 244 21.84 -14.59 17.06
C GLU B 244 21.68 -14.19 18.54
N LYS B 245 22.75 -13.64 19.11
CA LYS B 245 22.80 -13.27 20.53
C LYS B 245 21.64 -12.39 20.99
N GLU B 246 21.26 -11.43 20.18
CA GLU B 246 20.16 -10.52 20.52
C GLU B 246 18.80 -11.19 20.45
N ALA B 247 18.67 -12.17 19.57
CA ALA B 247 17.46 -12.97 19.49
C ALA B 247 17.31 -13.77 20.78
N LYS B 248 18.36 -14.49 21.15
CA LYS B 248 18.41 -15.18 22.43
C LYS B 248 18.09 -14.25 23.61
N ASP B 249 18.64 -13.05 23.59
CA ASP B 249 18.50 -12.14 24.73
C ASP B 249 17.05 -11.67 24.88
N LEU B 250 16.35 -11.43 23.78
CA LEU B 250 14.96 -11.04 23.85
C LEU B 250 14.12 -12.18 24.39
N LEU B 251 14.37 -13.37 23.86
CA LEU B 251 13.65 -14.55 24.28
C LEU B 251 13.87 -14.74 25.78
N VAL B 252 15.12 -14.66 26.22
CA VAL B 252 15.42 -14.82 27.64
C VAL B 252 14.62 -13.82 28.51
N LYS B 253 14.41 -12.60 28.02
CA LYS B 253 13.66 -11.61 28.79
C LYS B 253 12.15 -11.78 28.73
N LEU B 254 11.67 -12.45 27.69
CA LEU B 254 10.24 -12.78 27.60
C LEU B 254 9.87 -14.02 28.42
N PHE B 255 10.75 -15.03 28.45
CA PHE B 255 10.50 -16.23 29.25
C PHE B 255 10.85 -16.08 30.74
N VAL B 256 10.56 -14.92 31.32
CA VAL B 256 10.67 -14.72 32.74
C VAL B 256 9.32 -15.10 33.35
N ARG B 257 9.32 -16.03 34.30
CA ARG B 257 8.06 -16.59 34.79
C ARG B 257 7.31 -15.67 35.74
N GLU B 258 8.03 -14.82 36.45
CA GLU B 258 7.40 -13.82 37.32
C GLU B 258 6.82 -12.70 36.42
N PRO B 259 5.48 -12.65 36.28
CA PRO B 259 4.89 -11.78 35.26
C PRO B 259 5.41 -10.34 35.32
N GLU B 260 5.57 -9.79 36.51
CA GLU B 260 5.94 -8.38 36.66
C GLU B 260 7.37 -8.03 36.22
N LYS B 261 8.22 -9.04 36.05
CA LYS B 261 9.59 -8.82 35.58
C LYS B 261 9.73 -9.13 34.09
N ARG B 262 8.64 -9.52 33.45
CA ARG B 262 8.68 -9.91 32.05
C ARG B 262 8.73 -8.69 31.15
N LEU B 263 9.65 -8.69 30.19
CA LEU B 263 9.73 -7.64 29.18
C LEU B 263 8.39 -7.55 28.42
N GLY B 264 7.91 -6.34 28.22
CA GLY B 264 6.57 -6.15 27.69
C GLY B 264 5.65 -5.68 28.80
N VAL B 265 5.84 -6.21 30.01
CA VAL B 265 5.20 -5.66 31.23
C VAL B 265 6.09 -4.58 31.83
N ARG B 266 7.37 -4.88 31.98
CA ARG B 266 8.35 -3.87 32.37
C ARG B 266 9.20 -3.54 31.16
N GLY B 267 9.93 -2.44 31.27
CA GLY B 267 10.89 -2.03 30.26
C GLY B 267 10.21 -1.41 29.07
N ASP B 268 10.95 -1.37 27.96
CA ASP B 268 10.38 -0.96 26.68
C ASP B 268 10.89 -1.90 25.60
N ILE B 269 10.02 -2.83 25.22
CA ILE B 269 10.39 -3.88 24.27
C ILE B 269 10.84 -3.32 22.92
N ARG B 270 10.27 -2.17 22.52
CA ARG B 270 10.67 -1.52 21.27
C ARG B 270 12.16 -1.11 21.25
N GLN B 271 12.72 -0.95 22.45
CA GLN B 271 14.11 -0.51 22.60
C GLN B 271 15.12 -1.66 22.49
N HIS B 272 14.64 -2.90 22.44
CA HIS B 272 15.55 -4.02 22.44
C HIS B 272 16.45 -4.02 21.19
N PRO B 273 17.76 -4.30 21.35
CA PRO B 273 18.71 -4.31 20.22
C PRO B 273 18.30 -5.13 18.99
N LEU B 274 17.57 -6.22 19.18
CA LEU B 274 17.03 -6.99 18.06
C LEU B 274 16.29 -6.07 17.09
N PHE B 275 15.63 -5.05 17.64
CA PHE B 275 14.82 -4.15 16.84
C PHE B 275 15.57 -2.86 16.50
N ARG B 276 16.89 -2.83 16.72
CA ARG B 276 17.78 -1.69 16.40
C ARG B 276 17.47 -0.98 15.09
N GLU B 277 17.25 -1.76 14.04
CA GLU B 277 17.10 -1.21 12.69
C GLU B 277 15.67 -0.83 12.35
N ILE B 278 14.74 -1.02 13.28
CA ILE B 278 13.32 -0.74 13.00
C ILE B 278 12.94 0.70 13.31
N ASN B 279 12.35 1.36 12.31
CA ASN B 279 11.71 2.65 12.54
C ASN B 279 10.24 2.40 12.82
N TRP B 280 9.85 2.52 14.08
CA TRP B 280 8.52 2.09 14.50
C TRP B 280 7.40 2.93 13.84
N GLU B 281 7.63 4.21 13.61
CA GLU B 281 6.60 5.10 13.03
C GLU B 281 6.34 4.88 11.51
N GLU B 282 7.45 4.60 10.79
CA GLU B 282 7.37 4.03 9.41
C GLU B 282 6.78 2.59 9.37
N LEU B 283 7.11 1.78 10.36
CA LEU B 283 6.60 0.38 10.38
C LEU B 283 5.08 0.34 10.49
N GLU B 284 4.60 1.14 11.44
CA GLU B 284 3.18 1.30 11.73
C GLU B 284 2.40 1.91 10.55
N ARG B 285 3.06 2.76 9.76
CA ARG B 285 2.44 3.37 8.57
C ARG B 285 2.69 2.55 7.29
N LYS B 286 3.19 1.32 7.45
CA LYS B 286 3.42 0.37 6.35
C LYS B 286 4.35 0.91 5.24
N GLU B 287 5.33 1.72 5.63
CA GLU B 287 6.32 2.26 4.70
C GLU B 287 7.61 1.43 4.65
N ILE B 288 7.61 0.29 5.34
CA ILE B 288 8.73 -0.64 5.23
C ILE B 288 8.22 -1.82 4.43
N ASP B 289 8.84 -2.10 3.29
CA ASP B 289 8.43 -3.21 2.43
C ASP B 289 8.76 -4.54 3.12
N PRO B 290 7.74 -5.42 3.23
CA PRO B 290 8.00 -6.69 3.89
C PRO B 290 9.10 -7.49 3.19
N PRO B 291 9.95 -8.16 3.96
CA PRO B 291 11.02 -8.94 3.34
C PRO B 291 10.52 -10.17 2.58
N PHE B 292 9.28 -10.57 2.80
CA PHE B 292 8.70 -11.70 2.10
C PHE B 292 7.37 -11.27 1.53
N ARG B 293 7.17 -11.52 0.24
CA ARG B 293 5.90 -11.27 -0.44
C ARG B 293 5.34 -12.63 -0.82
N PRO B 294 4.10 -12.92 -0.42
CA PRO B 294 3.52 -14.23 -0.74
C PRO B 294 3.60 -14.56 -2.22
N LYS B 295 3.91 -15.81 -2.54
CA LYS B 295 4.08 -16.27 -3.91
C LYS B 295 2.75 -16.88 -4.38
N VAL B 296 2.21 -17.79 -3.55
CA VAL B 296 0.92 -18.41 -3.80
C VAL B 296 -0.19 -17.45 -3.32
N LYS B 297 -1.23 -17.23 -4.14
CA LYS B 297 -2.33 -16.33 -3.77
C LYS B 297 -3.64 -17.08 -3.55
N ASN B 330 -31.84 -15.23 22.80
CA ASN B 330 -31.33 -14.12 21.99
C ASN B 330 -30.52 -13.11 22.80
N MET B 331 -29.39 -13.57 23.36
CA MET B 331 -28.47 -12.68 24.08
C MET B 331 -27.51 -12.03 23.09
N PHE B 332 -28.00 -11.76 21.88
CA PHE B 332 -27.20 -11.20 20.82
C PHE B 332 -27.60 -9.74 20.63
N ARG B 333 -27.79 -9.06 21.76
CA ARG B 333 -28.25 -7.68 21.77
C ARG B 333 -27.16 -6.77 21.23
N ASN B 334 -27.53 -5.94 20.26
CA ASN B 334 -26.60 -5.05 19.59
C ASN B 334 -25.36 -5.80 19.11
N PHE B 335 -25.56 -6.97 18.53
CA PHE B 335 -24.51 -7.65 17.78
C PHE B 335 -24.26 -6.84 16.51
N SEP B 336 -25.33 -6.49 15.81
CA SEP B 336 -25.21 -5.74 14.56
CB SEP B 336 -26.58 -5.41 13.99
OG SEP B 336 -27.03 -6.54 13.23
C SEP B 336 -24.45 -4.45 14.73
O SEP B 336 -24.51 -3.79 15.77
P SEP B 336 -28.62 -6.78 13.12
O1P SEP B 336 -28.96 -7.14 14.56
O2P SEP B 336 -29.14 -5.46 12.66
O3P SEP B 336 -28.77 -7.93 12.15
N PHE B 337 -23.72 -4.08 13.67
CA PHE B 337 -22.82 -2.94 13.70
C PHE B 337 -22.33 -2.65 12.28
N MET B 338 -21.90 -1.42 12.03
CA MET B 338 -21.29 -1.06 10.73
C MET B 338 -20.23 0.03 10.85
N ASN B 339 -19.14 -0.10 10.10
CA ASN B 339 -18.12 0.95 10.00
C ASN B 339 -18.45 1.92 8.88
N PRO B 340 -18.00 3.18 9.01
CA PRO B 340 -18.36 4.22 8.03
C PRO B 340 -18.03 3.84 6.57
N GLY B 341 -16.99 3.01 6.41
CA GLY B 341 -16.67 2.38 5.14
C GLY B 341 -16.86 0.88 5.22
C5 5VS C . 3.48 4.55 -13.95
C7 5VS C . 4.33 4.54 -15.18
C8 5VS C . 3.83 4.09 -16.42
C10 5VS C . 5.98 4.48 -17.43
C15 5VS C . 8.58 4.60 -13.74
C17 5VS C . 10.88 4.03 -14.11
C20 5VS C . 8.24 3.27 -13.73
C22 5VS C . 8.21 4.22 -18.54
C24 5VS C . 10.45 3.66 -17.91
C1 5VS C . 4.79 7.26 -12.92
C2 5VS C . 5.19 5.82 -12.77
C3 5VS C . 5.83 5.63 -11.36
N4 5VS C . 3.92 5.13 -12.83
O6 5VS C . 2.40 4.01 -13.88
C9 5VS C . 4.66 4.06 -17.52
C11 5VS C . 6.48 4.95 -16.21
C12 5VS C . 5.68 4.98 -15.07
N13 5VS C . 6.15 5.40 -13.81
C14 5VS C . 7.56 5.69 -13.52
C16 5VS C . 9.90 4.99 -13.93
C18 5VS C . 10.54 2.68 -14.11
C19 5VS C . 9.22 2.29 -13.91
N21 5VS C . 6.83 4.49 -18.54
C23 5VS C . 9.11 3.86 -17.55
C25 5VS C . 10.86 3.83 -19.23
N26 5VS C . 9.96 4.18 -20.17
C27 5VS C . 8.67 4.37 -19.87
N28 5VS C . 7.56 4.72 -20.64
C30 5VS C . 6.48 4.79 -19.82
O31 5VS C . 5.35 5.07 -20.20
C5 5VS D . -10.89 -17.01 12.54
C7 5VS D . -10.76 -16.16 11.31
C8 5VS D . -11.49 -14.97 11.18
C10 5VS D . -10.49 -14.62 9.00
C15 5VS D . -8.74 -18.64 8.21
C17 5VS D . -8.55 -19.15 5.87
C20 5VS D . -10.05 -19.12 8.20
C22 5VS D . -10.09 -14.40 6.54
C24 5VS D . -9.73 -15.86 4.68
C1 5VS D . -7.69 -17.45 12.47
C2 5VS D . -8.85 -18.23 11.85
C3 5VS D . -8.45 -19.72 11.97
N4 5VS D . -10.00 -17.99 12.74
O6 5VS D . -11.78 -16.85 13.34
C9 5VS D . -11.34 -14.20 10.04
C11 5VS D . -9.76 -15.82 9.14
C12 5VS D . -9.88 -16.61 10.29
N13 5VS D . -9.17 -17.82 10.46
C14 5VS D . -8.11 -18.09 9.47
C16 5VS D . -7.99 -18.66 7.05
C18 5VS D . -9.85 -19.63 5.87
C19 5VS D . -10.60 -19.62 7.03
N21 5VS D . -10.32 -13.87 7.82
C23 5VS D . -9.98 -15.69 6.03
C25 5VS D . -9.59 -14.74 3.86
N26 5VS D . -9.70 -13.52 4.36
C27 5VS D . -9.95 -13.32 5.65
N28 5VS D . -10.11 -12.17 6.40
C30 5VS D . -10.33 -12.52 7.68
O31 5VS D . -10.49 -11.71 8.58
#